data_4CM8
#
_entry.id   4CM8
#
_cell.length_a   74.600
_cell.length_b   90.000
_cell.length_c   82.600
_cell.angle_alpha   90.00
_cell.angle_beta   115.57
_cell.angle_gamma   90.00
#
_symmetry.space_group_name_H-M   'P 1 21 1'
#
loop_
_entity.id
_entity.type
_entity.pdbx_description
1 polymer 'PTERIDINE REDUCTASE 1'
2 polymer 'PTERIDINE REDUCTASE 1'
3 non-polymer 'NADP NICOTINAMIDE-ADENINE-DINUCLEOTIDE PHOSPHATE'
4 non-polymer (E)-2,4-diamino-6-(4-methylstyryl)-7H-pyrrolo[2,3-d]pyrimidine-5-carbonitrile
5 non-polymer 'ACETATE ION'
6 non-polymer 2,3-DIHYDROXY-1,4-DITHIOBUTANE
7 non-polymer GLYCEROL
8 water water
#
loop_
_entity_poly.entity_id
_entity_poly.type
_entity_poly.pdbx_seq_one_letter_code
_entity_poly.pdbx_strand_id
1 'polypeptide(L)'
;MGSSHHHHHHSSGLVPRGSHMEAPAAVVTGAAKRIGRAIAVKLHQTGYRVVIHYHNSAEAAVSLADELNKERSNTAVVCQ
ADLTNSNVLPASCEEIINSCFRAFGRCDVLVNNASAFYPTPLVQGDHEDNSNGKTVETQVAELIGTNAIAPFLLTMSFAQ
RQKGTNPNCTSSNLSIVNLCDAMVDQP(CSX)MAFSLYNMGKHALVGLTQSAALELAPYGIRVNGVAPGVSLLPVAMGEE
EKDKWRRKVPLGRREASAEQIADAVIFLVSGSAQYITGSIIKVDGGLSLVHA
;
A,C,D
2 'polypeptide(L)'
;MGSSHHHHHHSSGLVPRGSHMEAPAAVVTGAAKRIGRAIAVKLHQTGYRVVIHYHNSAEAAVSLADELNKERSNTAVVCQ
ADLTNSNVLPASCEEIINSCFRAFGRCDVLVNNASAFYPTPLVQGDHEDNSNGKTVETQVAELIGTNAIAPFLLTMSFAQ
RQKGTNPNCTSSNLSIVNLCDAMVDQPCMAFSLYNMGKHALVGLTQSAALELAPYGIRVNGVAPGVSLLPVAMGEEEKDK
WRRKVPLGRREASAEQIADAVIFLVSGSAQYITGSIIKVDGGLSLVHA
;
B
#
loop_
_chem_comp.id
_chem_comp.type
_chem_comp.name
_chem_comp.formula
ACT non-polymer 'ACETATE ION' 'C2 H3 O2 -1'
DTT non-polymer 2,3-DIHYDROXY-1,4-DITHIOBUTANE 'C4 H10 O2 S2'
GOL non-polymer GLYCEROL 'C3 H8 O3'
IZ9 non-polymer (E)-2,4-diamino-6-(4-methylstyryl)-7H-pyrrolo[2,3-d]pyrimidine-5-carbonitrile 'C16 H14 N6'
NAP non-polymer 'NADP NICOTINAMIDE-ADENINE-DINUCLEOTIDE PHOSPHATE' 'C21 H28 N7 O17 P3'
#
# COMPACT_ATOMS: atom_id res chain seq x y z
N GLU A 22 -40.83 -3.48 -7.71
CA GLU A 22 -40.01 -4.20 -8.75
C GLU A 22 -38.64 -4.60 -8.19
N ALA A 23 -38.18 -5.77 -8.58
CA ALA A 23 -36.98 -6.33 -8.01
C ALA A 23 -35.76 -5.72 -8.74
N PRO A 24 -34.67 -5.46 -8.02
CA PRO A 24 -33.51 -5.00 -8.79
C PRO A 24 -32.89 -6.14 -9.62
N ALA A 25 -32.00 -5.75 -10.54
CA ALA A 25 -31.39 -6.72 -11.47
C ALA A 25 -29.87 -6.60 -11.46
N ALA A 26 -29.20 -7.73 -11.64
CA ALA A 26 -27.74 -7.75 -11.60
C ALA A 26 -27.18 -8.55 -12.78
N VAL A 27 -26.04 -8.10 -13.31
CA VAL A 27 -25.21 -8.87 -14.25
C VAL A 27 -24.01 -9.45 -13.47
N VAL A 28 -23.80 -10.76 -13.58
CA VAL A 28 -22.63 -11.44 -13.03
C VAL A 28 -21.89 -12.07 -14.21
N THR A 29 -20.66 -11.62 -14.46
CA THR A 29 -19.87 -12.19 -15.56
C THR A 29 -19.24 -13.52 -15.12
N GLY A 30 -19.08 -14.42 -16.06
CA GLY A 30 -18.51 -15.75 -15.78
C GLY A 30 -19.23 -16.46 -14.63
N ALA A 31 -20.55 -16.51 -14.70
CA ALA A 31 -21.40 -16.96 -13.59
C ALA A 31 -21.92 -18.39 -13.70
N ALA A 32 -21.45 -19.16 -14.65
CA ALA A 32 -21.94 -20.53 -14.76
C ALA A 32 -21.53 -21.45 -13.63
N LYS A 33 -20.37 -21.18 -13.02
CA LYS A 33 -19.72 -22.13 -12.12
C LYS A 33 -19.05 -21.38 -10.99
N ARG A 34 -18.64 -22.15 -9.99
CA ARG A 34 -17.62 -21.71 -9.03
C ARG A 34 -18.04 -20.40 -8.37
N ILE A 35 -17.13 -19.43 -8.23
CA ILE A 35 -17.43 -18.20 -7.49
C ILE A 35 -18.53 -17.35 -8.15
N GLY A 36 -18.53 -17.24 -9.48
CA GLY A 36 -19.54 -16.43 -10.15
C GLY A 36 -20.92 -17.02 -9.96
N ARG A 37 -21.03 -18.36 -9.98
CA ARG A 37 -22.31 -19.00 -9.66
C ARG A 37 -22.74 -18.66 -8.25
N ALA A 38 -21.83 -18.80 -7.30
CA ALA A 38 -22.16 -18.49 -5.90
C ALA A 38 -22.66 -17.07 -5.69
N ILE A 39 -22.03 -16.12 -6.39
CA ILE A 39 -22.49 -14.73 -6.41
C ILE A 39 -23.91 -14.56 -7.00
N ALA A 40 -24.18 -15.20 -8.14
CA ALA A 40 -25.47 -15.06 -8.78
C ALA A 40 -26.56 -15.67 -7.91
N VAL A 41 -26.27 -16.84 -7.35
CA VAL A 41 -27.18 -17.49 -6.44
C VAL A 41 -27.50 -16.63 -5.24
N LYS A 42 -26.49 -16.10 -4.58
CA LYS A 42 -26.73 -15.24 -3.43
C LYS A 42 -27.51 -13.95 -3.72
N LEU A 43 -27.23 -13.34 -4.87
CA LEU A 43 -27.92 -12.16 -5.28
C LEU A 43 -29.39 -12.57 -5.54
N HIS A 44 -29.56 -13.69 -6.20
CA HIS A 44 -30.88 -14.21 -6.45
C HIS A 44 -31.63 -14.45 -5.14
N GLN A 45 -30.97 -15.07 -4.16
CA GLN A 45 -31.59 -15.36 -2.85
C GLN A 45 -31.97 -14.09 -2.10
N THR A 46 -31.23 -13.02 -2.36
CA THR A 46 -31.45 -11.71 -1.77
C THR A 46 -32.57 -10.99 -2.49
N GLY A 47 -33.01 -11.45 -3.65
CA GLY A 47 -34.14 -10.82 -4.32
C GLY A 47 -33.86 -10.21 -5.67
N TYR A 48 -32.58 -10.28 -6.12
CA TYR A 48 -32.25 -9.84 -7.48
C TYR A 48 -32.70 -10.80 -8.55
N ARG A 49 -33.04 -10.22 -9.68
CA ARG A 49 -33.04 -10.89 -10.97
C ARG A 49 -31.63 -10.85 -11.54
N VAL A 50 -31.21 -11.93 -12.20
CA VAL A 50 -29.80 -12.08 -12.56
C VAL A 50 -29.60 -12.37 -14.06
N VAL A 51 -28.60 -11.72 -14.67
CA VAL A 51 -28.09 -12.13 -15.99
C VAL A 51 -26.86 -13.01 -15.68
N ILE A 52 -26.91 -14.30 -16.04
CA ILE A 52 -25.81 -15.24 -15.86
C ILE A 52 -24.97 -15.19 -17.18
N HIS A 53 -23.91 -14.38 -17.18
CA HIS A 53 -23.01 -14.35 -18.33
C HIS A 53 -22.12 -15.57 -18.34
N TYR A 54 -21.83 -16.09 -19.53
CA TYR A 54 -20.93 -17.25 -19.67
C TYR A 54 -20.21 -17.14 -21.04
N HIS A 55 -19.15 -17.89 -21.15
CA HIS A 55 -18.40 -17.93 -22.39
C HIS A 55 -18.55 -19.33 -23.02
N ASN A 56 -17.88 -20.31 -22.48
CA ASN A 56 -17.96 -21.67 -23.01
C ASN A 56 -18.93 -22.56 -22.25
N SER A 57 -19.30 -22.19 -21.02
CA SER A 57 -20.00 -23.14 -20.15
C SER A 57 -21.51 -23.01 -20.31
N ALA A 58 -22.00 -23.32 -21.52
CA ALA A 58 -23.43 -23.14 -21.81
C ALA A 58 -24.36 -24.02 -20.98
N GLU A 59 -23.95 -25.28 -20.81
CA GLU A 59 -24.81 -26.27 -20.17
C GLU A 59 -24.96 -25.88 -18.67
N ALA A 60 -23.84 -25.52 -18.05
CA ALA A 60 -23.84 -25.11 -16.65
C ALA A 60 -24.64 -23.82 -16.43
N ALA A 61 -24.51 -22.88 -17.37
CA ALA A 61 -25.21 -21.58 -17.30
C ALA A 61 -26.74 -21.77 -17.34
N VAL A 62 -27.18 -22.55 -18.33
CA VAL A 62 -28.58 -22.98 -18.48
C VAL A 62 -29.09 -23.80 -17.28
N SER A 63 -28.27 -24.69 -16.73
CA SER A 63 -28.69 -25.48 -15.60
C SER A 63 -28.94 -24.52 -14.39
N LEU A 64 -28.03 -23.55 -14.19
CA LEU A 64 -28.23 -22.55 -13.14
C LEU A 64 -29.47 -21.69 -13.37
N ALA A 65 -29.66 -21.21 -14.58
CA ALA A 65 -30.77 -20.34 -14.83
C ALA A 65 -32.07 -21.10 -14.58
N ASP A 66 -32.13 -22.37 -15.03
CA ASP A 66 -33.29 -23.22 -14.79
C ASP A 66 -33.59 -23.31 -13.27
N GLU A 67 -32.59 -23.64 -12.44
CA GLU A 67 -32.78 -23.68 -11.00
C GLU A 67 -33.37 -22.39 -10.43
N LEU A 68 -32.78 -21.25 -10.83
CA LEU A 68 -33.22 -19.97 -10.31
C LEU A 68 -34.63 -19.66 -10.76
N ASN A 69 -34.92 -19.94 -12.02
CA ASN A 69 -36.27 -19.69 -12.54
C ASN A 69 -37.36 -20.57 -11.88
N LYS A 70 -36.97 -21.75 -11.44
CA LYS A 70 -37.90 -22.64 -10.76
C LYS A 70 -38.17 -22.17 -9.36
N GLU A 71 -37.21 -21.42 -8.78
CA GLU A 71 -37.42 -20.78 -7.48
C GLU A 71 -38.34 -19.58 -7.66
N ARG A 72 -38.07 -18.74 -8.66
CA ARG A 72 -38.94 -17.60 -8.98
C ARG A 72 -38.99 -17.43 -10.48
N SER A 73 -40.20 -17.55 -10.99
CA SER A 73 -40.39 -17.53 -12.44
C SER A 73 -39.87 -16.22 -13.09
N ASN A 74 -39.20 -16.34 -14.25
CA ASN A 74 -38.74 -15.17 -15.03
C ASN A 74 -37.77 -14.24 -14.25
N THR A 75 -36.88 -14.84 -13.48
CA THR A 75 -35.90 -14.03 -12.75
C THR A 75 -34.43 -14.28 -13.14
N ALA A 76 -34.18 -15.19 -14.08
CA ALA A 76 -32.81 -15.42 -14.54
C ALA A 76 -32.77 -15.62 -16.06
N VAL A 77 -31.78 -15.01 -16.70
CA VAL A 77 -31.47 -15.31 -18.11
C VAL A 77 -29.96 -15.50 -18.28
N VAL A 78 -29.56 -16.25 -19.32
CA VAL A 78 -28.16 -16.40 -19.65
C VAL A 78 -27.77 -15.41 -20.72
N CYS A 79 -26.47 -15.15 -20.84
CA CYS A 79 -25.96 -14.23 -21.86
C CYS A 79 -24.56 -14.63 -22.24
N GLN A 80 -24.37 -15.03 -23.50
CA GLN A 80 -23.08 -15.50 -23.99
C GLN A 80 -22.24 -14.36 -24.51
N ALA A 81 -20.96 -14.36 -24.12
CA ALA A 81 -19.99 -13.47 -24.72
C ALA A 81 -18.54 -13.88 -24.37
N ASP A 82 -17.68 -13.80 -25.39
CA ASP A 82 -16.27 -13.78 -25.22
C ASP A 82 -15.82 -12.42 -24.72
N LEU A 83 -15.03 -12.39 -23.65
CA LEU A 83 -14.53 -11.13 -23.12
C LEU A 83 -13.03 -10.89 -23.38
N THR A 84 -12.47 -11.71 -24.29
CA THR A 84 -11.14 -11.48 -24.83
C THR A 84 -11.09 -10.08 -25.45
N ASN A 85 -9.99 -9.35 -25.33
CA ASN A 85 -9.95 -8.00 -25.96
C ASN A 85 -9.92 -8.14 -27.50
N SER A 86 -10.66 -7.29 -28.18
CA SER A 86 -10.64 -7.13 -29.63
C SER A 86 -11.35 -5.83 -29.96
N ASN A 87 -11.40 -5.49 -31.24
CA ASN A 87 -12.13 -4.28 -31.63
C ASN A 87 -13.64 -4.35 -31.47
N VAL A 88 -14.21 -5.51 -31.28
CA VAL A 88 -15.66 -5.59 -31.05
CA VAL A 88 -15.67 -5.66 -31.07
C VAL A 88 -16.01 -5.82 -29.57
N LEU A 89 -15.00 -5.95 -28.72
CA LEU A 89 -15.30 -6.13 -27.30
C LEU A 89 -16.19 -5.00 -26.75
N PRO A 90 -15.96 -3.73 -27.15
CA PRO A 90 -16.90 -2.73 -26.62
C PRO A 90 -18.42 -3.02 -26.92
N ALA A 91 -18.68 -3.49 -28.13
CA ALA A 91 -20.01 -3.87 -28.57
C ALA A 91 -20.50 -5.06 -27.78
N SER A 92 -19.65 -6.06 -27.56
CA SER A 92 -20.08 -7.19 -26.75
C SER A 92 -20.41 -6.79 -25.33
N CYS A 93 -19.61 -5.90 -24.76
CA CYS A 93 -19.91 -5.44 -23.37
C CYS A 93 -21.18 -4.59 -23.28
N GLU A 94 -21.38 -3.71 -24.26
CA GLU A 94 -22.63 -2.96 -24.36
C GLU A 94 -23.78 -3.92 -24.43
N GLU A 95 -23.62 -5.02 -25.15
CA GLU A 95 -24.74 -5.93 -25.35
C GLU A 95 -25.08 -6.71 -24.08
N ILE A 96 -24.07 -7.10 -23.29
CA ILE A 96 -24.29 -7.71 -21.99
C ILE A 96 -25.18 -6.79 -21.09
N ILE A 97 -24.84 -5.52 -21.04
CA ILE A 97 -25.68 -4.58 -20.27
C ILE A 97 -27.06 -4.47 -20.93
N ASN A 98 -27.10 -4.37 -22.26
CA ASN A 98 -28.40 -4.29 -22.93
C ASN A 98 -29.26 -5.48 -22.61
N SER A 99 -28.66 -6.67 -22.46
CA SER A 99 -29.39 -7.88 -22.18
C SER A 99 -30.09 -7.81 -20.81
N CYS A 100 -29.46 -7.10 -19.88
CA CYS A 100 -30.09 -6.99 -18.56
C CYS A 100 -31.32 -6.09 -18.68
N PHE A 101 -31.14 -4.95 -19.35
CA PHE A 101 -32.31 -4.06 -19.62
C PHE A 101 -33.40 -4.74 -20.46
N ARG A 102 -33.05 -5.67 -21.35
CA ARG A 102 -34.06 -6.30 -22.18
C ARG A 102 -34.93 -7.23 -21.36
N ALA A 103 -34.26 -8.01 -20.51
CA ALA A 103 -34.89 -9.02 -19.72
C ALA A 103 -35.66 -8.38 -18.57
N PHE A 104 -35.08 -7.35 -17.93
CA PHE A 104 -35.56 -6.93 -16.63
C PHE A 104 -35.91 -5.45 -16.50
N GLY A 105 -35.61 -4.65 -17.50
CA GLY A 105 -35.99 -3.23 -17.49
C GLY A 105 -35.11 -2.33 -16.67
N ARG A 106 -34.05 -2.89 -16.10
CA ARG A 106 -33.13 -2.12 -15.29
C ARG A 106 -31.84 -2.89 -15.11
N CYS A 107 -30.82 -2.23 -14.58
CA CYS A 107 -29.54 -2.89 -14.23
C CYS A 107 -28.91 -2.11 -13.06
N ASP A 108 -29.04 -2.68 -11.86
CA ASP A 108 -28.67 -2.03 -10.64
C ASP A 108 -27.23 -2.36 -10.20
N VAL A 109 -26.82 -3.59 -10.51
CA VAL A 109 -25.55 -4.18 -10.10
C VAL A 109 -24.81 -4.87 -11.27
N LEU A 110 -23.49 -4.62 -11.30
CA LEU A 110 -22.54 -5.28 -12.19
C LEU A 110 -21.48 -5.95 -11.35
N VAL A 111 -21.31 -7.25 -11.52
CA VAL A 111 -20.25 -7.99 -10.87
C VAL A 111 -19.24 -8.51 -11.96
N ASN A 112 -18.00 -8.00 -11.91
CA ASN A 112 -16.95 -8.37 -12.86
C ASN A 112 -16.14 -9.51 -12.27
N ASN A 113 -16.57 -10.73 -12.58
CA ASN A 113 -16.02 -11.95 -12.03
C ASN A 113 -15.26 -12.74 -13.08
N ALA A 114 -15.70 -12.68 -14.34
CA ALA A 114 -15.08 -13.53 -15.40
C ALA A 114 -13.60 -13.28 -15.51
N SER A 115 -12.79 -14.36 -15.67
CA SER A 115 -11.34 -14.17 -15.65
C SER A 115 -10.58 -15.30 -16.27
N ALA A 116 -9.66 -14.97 -17.18
CA ALA A 116 -8.69 -15.98 -17.62
C ALA A 116 -7.52 -16.01 -16.66
N PHE A 117 -6.91 -17.19 -16.48
CA PHE A 117 -5.91 -17.35 -15.44
C PHE A 117 -4.97 -18.49 -15.87
N TYR A 118 -3.73 -18.18 -16.24
CA TYR A 118 -2.74 -19.20 -16.62
C TYR A 118 -1.39 -18.48 -16.67
N PRO A 119 -0.29 -19.24 -16.57
CA PRO A 119 1.06 -18.64 -16.57
C PRO A 119 1.48 -18.09 -17.95
N THR A 120 2.33 -17.08 -17.94
CA THR A 120 2.92 -16.46 -19.13
C THR A 120 4.37 -16.18 -18.78
N PRO A 121 5.22 -17.22 -18.81
CA PRO A 121 6.61 -17.05 -18.37
C PRO A 121 7.35 -16.00 -19.18
N LEU A 122 8.16 -15.19 -18.50
CA LEU A 122 8.90 -14.13 -19.24
C LEU A 122 10.05 -14.68 -20.11
N VAL A 123 10.63 -15.80 -19.68
CA VAL A 123 11.72 -16.48 -20.42
C VAL A 123 11.30 -17.93 -20.78
N GLN A 124 11.60 -18.35 -22.01
CA GLN A 124 11.21 -19.69 -22.53
C GLN A 124 12.41 -20.62 -22.59
N GLY A 133 0.53 -23.91 -28.53
CA GLY A 133 0.47 -22.80 -27.59
C GLY A 133 -0.08 -21.52 -28.21
N LYS A 134 -0.69 -20.70 -27.34
CA LYS A 134 -1.25 -19.43 -27.76
C LYS A 134 -0.13 -18.46 -28.12
N THR A 135 -0.38 -17.54 -29.03
CA THR A 135 0.56 -16.42 -29.27
C THR A 135 0.54 -15.53 -28.05
N VAL A 136 1.63 -14.78 -27.86
CA VAL A 136 1.68 -13.84 -26.74
C VAL A 136 0.58 -12.81 -26.92
N GLU A 137 0.30 -12.39 -28.14
CA GLU A 137 -0.77 -11.39 -28.26
C GLU A 137 -2.14 -11.92 -27.93
N THR A 138 -2.38 -13.22 -28.12
CA THR A 138 -3.63 -13.83 -27.63
C THR A 138 -3.63 -13.91 -26.09
N GLN A 139 -2.50 -14.23 -25.48
CA GLN A 139 -2.41 -14.20 -24.03
C GLN A 139 -2.67 -12.77 -23.50
N VAL A 140 -2.10 -11.75 -24.13
CA VAL A 140 -2.44 -10.39 -23.73
C VAL A 140 -3.97 -10.13 -23.85
N ALA A 141 -4.54 -10.47 -25.00
CA ALA A 141 -5.96 -10.22 -25.26
C ALA A 141 -6.87 -10.88 -24.22
N GLU A 142 -6.57 -12.13 -23.89
CA GLU A 142 -7.35 -12.91 -22.95
C GLU A 142 -7.12 -12.46 -21.50
N LEU A 143 -5.86 -12.33 -21.07
CA LEU A 143 -5.58 -12.10 -19.65
C LEU A 143 -5.84 -10.66 -19.30
N ILE A 144 -5.43 -9.74 -20.16
CA ILE A 144 -5.73 -8.33 -19.94
C ILE A 144 -7.19 -7.98 -20.31
N GLY A 145 -7.72 -8.61 -21.38
CA GLY A 145 -9.12 -8.43 -21.74
C GLY A 145 -10.10 -8.78 -20.63
N THR A 146 -10.05 -10.02 -20.20
CA THR A 146 -11.02 -10.51 -19.22
C THR A 146 -10.87 -9.83 -17.88
N ASN A 147 -9.64 -9.64 -17.44
CA ASN A 147 -9.43 -9.16 -16.11
C ASN A 147 -9.51 -7.65 -15.97
N ALA A 148 -9.42 -6.91 -17.05
CA ALA A 148 -9.31 -5.44 -16.97
C ALA A 148 -10.08 -4.67 -18.01
N ILE A 149 -9.87 -5.02 -19.28
CA ILE A 149 -10.46 -4.22 -20.33
C ILE A 149 -11.97 -4.44 -20.35
N ALA A 150 -12.40 -5.69 -20.31
CA ALA A 150 -13.89 -5.94 -20.27
C ALA A 150 -14.53 -5.29 -19.04
N PRO A 151 -13.92 -5.44 -17.83
CA PRO A 151 -14.51 -4.68 -16.73
C PRO A 151 -14.65 -3.17 -17.01
N PHE A 152 -13.65 -2.58 -17.64
CA PHE A 152 -13.64 -1.16 -17.97
C PHE A 152 -14.79 -0.85 -18.92
N LEU A 153 -14.95 -1.69 -19.96
CA LEU A 153 -15.97 -1.42 -20.96
C LEU A 153 -17.34 -1.69 -20.37
N LEU A 154 -17.45 -2.78 -19.63
CA LEU A 154 -18.77 -3.03 -18.97
C LEU A 154 -19.13 -1.89 -18.02
N THR A 155 -18.13 -1.28 -17.37
CA THR A 155 -18.36 -0.14 -16.44
C THR A 155 -18.87 1.06 -17.22
N MET A 156 -18.21 1.36 -18.34
CA MET A 156 -18.69 2.46 -19.20
C MET A 156 -20.18 2.23 -19.61
N SER A 157 -20.51 1.00 -20.04
CA SER A 157 -21.83 0.70 -20.56
C SER A 157 -22.89 0.76 -19.46
N PHE A 158 -22.55 0.20 -18.31
CA PHE A 158 -23.41 0.21 -17.15
C PHE A 158 -23.73 1.65 -16.76
N ALA A 159 -22.71 2.48 -16.67
CA ALA A 159 -22.89 3.90 -16.31
C ALA A 159 -23.67 4.69 -17.36
N GLN A 160 -23.37 4.49 -18.63
CA GLN A 160 -24.05 5.16 -19.73
C GLN A 160 -25.57 4.89 -19.73
N ARG A 161 -25.97 3.69 -19.32
CA ARG A 161 -27.36 3.27 -19.34
C ARG A 161 -28.23 3.78 -18.21
N GLN A 162 -27.65 4.49 -17.25
CA GLN A 162 -28.45 4.87 -16.07
C GLN A 162 -29.26 6.16 -16.33
N SER A 172 -32.84 3.97 -5.07
CA SER A 172 -31.78 3.37 -5.94
C SER A 172 -30.47 3.04 -5.21
N ASN A 173 -29.89 1.89 -5.52
CA ASN A 173 -28.59 1.52 -4.94
C ASN A 173 -27.75 0.84 -6.00
N LEU A 174 -27.18 1.68 -6.85
CA LEU A 174 -26.38 1.21 -7.99
C LEU A 174 -24.94 0.95 -7.56
N SER A 175 -24.39 -0.22 -7.93
CA SER A 175 -22.96 -0.45 -7.66
C SER A 175 -22.34 -1.53 -8.57
N ILE A 176 -21.03 -1.50 -8.59
CA ILE A 176 -20.16 -2.46 -9.31
C ILE A 176 -19.27 -3.08 -8.28
N VAL A 177 -19.05 -4.38 -8.41
CA VAL A 177 -18.08 -5.08 -7.58
C VAL A 177 -17.13 -5.87 -8.52
N ASN A 178 -15.84 -5.61 -8.40
CA ASN A 178 -14.81 -6.22 -9.19
C ASN A 178 -14.13 -7.31 -8.36
N LEU A 179 -14.00 -8.49 -8.93
CA LEU A 179 -13.29 -9.60 -8.25
C LEU A 179 -11.82 -9.46 -8.51
N CYS A 180 -11.08 -9.12 -7.45
CA CYS A 180 -9.68 -8.76 -7.51
C CYS A 180 -8.86 -9.95 -7.03
N ASP A 181 -7.69 -9.73 -6.46
CA ASP A 181 -6.82 -10.81 -6.06
C ASP A 181 -5.99 -10.27 -4.91
N ALA A 182 -6.13 -10.89 -3.76
CA ALA A 182 -5.51 -10.38 -2.52
C ALA A 182 -3.99 -10.52 -2.57
N MET A 183 -3.50 -11.45 -3.40
CA MET A 183 -2.06 -11.66 -3.53
C MET A 183 -1.37 -10.89 -4.67
N VAL A 184 -1.98 -9.81 -5.18
CA VAL A 184 -1.31 -9.11 -6.28
C VAL A 184 0.07 -8.49 -5.97
N ASP A 185 0.35 -8.18 -4.72
CA ASP A 185 1.72 -7.75 -4.37
C ASP A 185 2.67 -8.84 -3.95
N GLN A 186 2.19 -10.07 -3.91
CA GLN A 186 3.03 -11.22 -3.64
C GLN A 186 2.64 -12.30 -4.66
N PRO A 187 2.87 -12.02 -5.93
CA PRO A 187 2.27 -12.81 -6.97
C PRO A 187 2.91 -14.20 -7.16
N CSX A 188 2.17 -15.12 -7.75
CA CSX A 188 2.72 -16.40 -8.22
CB CSX A 188 1.63 -17.25 -8.87
SG CSX A 188 0.64 -17.73 -7.57
C CSX A 188 3.75 -16.21 -9.31
O CSX A 188 3.61 -15.42 -10.21
OD CSX A 188 0.97 -19.11 -7.14
N MET A 189 4.80 -17.00 -9.21
CA MET A 189 5.88 -17.00 -10.19
C MET A 189 5.34 -17.29 -11.60
N ALA A 190 5.78 -16.52 -12.60
CA ALA A 190 5.40 -16.70 -14.04
C ALA A 190 3.95 -16.35 -14.44
N PHE A 191 3.28 -15.58 -13.57
CA PHE A 191 1.96 -15.03 -13.88
C PHE A 191 1.90 -13.50 -14.14
N SER A 192 2.90 -12.94 -14.81
CA SER A 192 2.98 -11.49 -14.95
CA SER A 192 3.01 -11.50 -15.03
C SER A 192 1.75 -10.89 -15.62
N LEU A 193 1.31 -11.45 -16.75
CA LEU A 193 0.14 -10.86 -17.44
C LEU A 193 -1.14 -10.93 -16.63
N TYR A 194 -1.41 -12.08 -15.99
CA TYR A 194 -2.54 -12.17 -15.10
C TYR A 194 -2.43 -11.10 -14.00
N ASN A 195 -1.25 -11.02 -13.37
N ASN A 195 -1.25 -10.99 -13.35
CA ASN A 195 -1.04 -10.03 -12.32
CA ASN A 195 -1.11 -10.03 -12.27
C ASN A 195 -1.20 -8.60 -12.77
C ASN A 195 -1.15 -8.57 -12.75
N MET A 196 -0.70 -8.34 -13.97
CA MET A 196 -0.84 -7.04 -14.58
C MET A 196 -2.33 -6.68 -14.73
N GLY A 197 -3.12 -7.67 -15.15
CA GLY A 197 -4.54 -7.53 -15.31
C GLY A 197 -5.30 -7.20 -14.02
N LYS A 198 -4.99 -7.94 -12.97
CA LYS A 198 -5.54 -7.68 -11.64
C LYS A 198 -5.07 -6.35 -11.04
N HIS A 199 -3.83 -5.94 -11.25
CA HIS A 199 -3.44 -4.61 -10.85
C HIS A 199 -4.23 -3.53 -11.60
N ALA A 200 -4.35 -3.66 -12.92
CA ALA A 200 -5.20 -2.75 -13.71
C ALA A 200 -6.63 -2.66 -13.18
N LEU A 201 -7.16 -3.79 -12.74
CA LEU A 201 -8.48 -3.84 -12.19
C LEU A 201 -8.61 -3.06 -10.88
N VAL A 202 -7.54 -3.08 -10.07
CA VAL A 202 -7.50 -2.21 -8.90
C VAL A 202 -7.58 -0.76 -9.34
N GLY A 203 -6.77 -0.38 -10.33
CA GLY A 203 -6.83 1.01 -10.84
C GLY A 203 -8.19 1.44 -11.36
N LEU A 204 -8.86 0.55 -12.10
CA LEU A 204 -10.24 0.80 -12.57
C LEU A 204 -11.18 0.99 -11.38
N THR A 205 -11.09 0.09 -10.39
CA THR A 205 -11.94 0.19 -9.20
C THR A 205 -11.83 1.59 -8.58
N GLN A 206 -10.61 2.07 -8.45
CA GLN A 206 -10.33 3.38 -7.86
C GLN A 206 -10.76 4.54 -8.79
N SER A 207 -10.31 4.53 -10.04
CA SER A 207 -10.70 5.52 -11.04
C SER A 207 -12.20 5.61 -11.22
N ALA A 208 -12.85 4.47 -11.35
CA ALA A 208 -14.29 4.45 -11.55
C ALA A 208 -15.07 4.85 -10.31
N ALA A 209 -14.58 4.51 -9.10
CA ALA A 209 -15.23 4.94 -7.88
C ALA A 209 -15.23 6.46 -7.85
N LEU A 210 -14.09 7.09 -8.16
CA LEU A 210 -13.96 8.56 -8.16
CA LEU A 210 -13.98 8.56 -8.19
C LEU A 210 -14.91 9.19 -9.19
N GLU A 211 -14.89 8.65 -10.41
CA GLU A 211 -15.59 9.23 -11.51
C GLU A 211 -17.12 9.03 -11.51
N LEU A 212 -17.58 7.93 -10.96
CA LEU A 212 -19.01 7.58 -10.96
C LEU A 212 -19.72 7.92 -9.65
N ALA A 213 -18.97 8.34 -8.66
CA ALA A 213 -19.56 8.79 -7.42
C ALA A 213 -20.68 9.86 -7.62
N PRO A 214 -20.46 10.85 -8.50
CA PRO A 214 -21.49 11.91 -8.64
C PRO A 214 -22.78 11.40 -9.29
N TYR A 215 -22.73 10.19 -9.90
CA TYR A 215 -23.90 9.48 -10.37
C TYR A 215 -24.51 8.51 -9.33
N GLY A 216 -23.90 8.39 -8.15
CA GLY A 216 -24.39 7.50 -7.10
C GLY A 216 -24.09 6.05 -7.40
N ILE A 217 -23.11 5.82 -8.26
CA ILE A 217 -22.69 4.46 -8.55
C ILE A 217 -21.41 4.25 -7.74
N ARG A 218 -21.48 3.30 -6.81
CA ARG A 218 -20.34 2.92 -5.97
C ARG A 218 -19.61 1.83 -6.70
N VAL A 219 -18.27 1.80 -6.53
CA VAL A 219 -17.44 0.85 -7.22
C VAL A 219 -16.48 0.25 -6.22
N ASN A 220 -16.57 -1.04 -5.98
CA ASN A 220 -15.75 -1.66 -4.96
C ASN A 220 -15.18 -2.94 -5.46
N GLY A 221 -14.31 -3.56 -4.67
CA GLY A 221 -13.81 -4.87 -4.99
C GLY A 221 -13.80 -5.86 -3.87
N VAL A 222 -13.71 -7.13 -4.26
CA VAL A 222 -13.56 -8.25 -3.34
C VAL A 222 -12.36 -9.04 -3.83
N ALA A 223 -11.41 -9.28 -2.92
CA ALA A 223 -10.14 -9.92 -3.23
C ALA A 223 -9.94 -11.22 -2.46
N PRO A 224 -10.30 -12.33 -3.12
CA PRO A 224 -9.94 -13.66 -2.58
C PRO A 224 -8.43 -13.86 -2.55
N GLY A 225 -7.94 -14.73 -1.66
CA GLY A 225 -6.57 -15.13 -1.74
C GLY A 225 -6.58 -16.50 -2.40
N VAL A 226 -6.80 -17.52 -1.59
CA VAL A 226 -7.09 -18.85 -2.12
C VAL A 226 -8.53 -19.19 -1.77
N SER A 227 -9.33 -19.35 -2.81
CA SER A 227 -10.68 -19.85 -2.71
C SER A 227 -10.68 -21.17 -3.50
N LEU A 228 -11.74 -21.46 -4.25
CA LEU A 228 -11.81 -22.75 -4.96
C LEU A 228 -10.62 -22.89 -5.87
N LEU A 229 -9.83 -23.94 -5.67
CA LEU A 229 -8.65 -24.14 -6.45
C LEU A 229 -9.04 -24.62 -7.86
N PRO A 230 -8.12 -24.49 -8.83
CA PRO A 230 -8.45 -24.86 -10.19
C PRO A 230 -8.81 -26.37 -10.29
N VAL A 231 -9.79 -26.68 -11.12
CA VAL A 231 -10.26 -28.05 -11.25
CA VAL A 231 -10.27 -28.05 -11.34
C VAL A 231 -9.13 -28.99 -11.69
N ALA A 232 -8.18 -28.51 -12.49
CA ALA A 232 -7.06 -29.41 -12.87
C ALA A 232 -6.00 -29.58 -11.78
N MET A 233 -6.07 -28.83 -10.69
CA MET A 233 -5.08 -29.03 -9.64
C MET A 233 -5.39 -30.33 -8.88
N GLY A 234 -4.36 -31.13 -8.64
CA GLY A 234 -4.51 -32.36 -7.83
C GLY A 234 -4.57 -32.05 -6.35
N GLU A 235 -5.04 -33.01 -5.57
CA GLU A 235 -5.32 -32.75 -4.18
C GLU A 235 -4.08 -32.35 -3.37
N GLU A 236 -2.94 -32.96 -3.67
CA GLU A 236 -1.70 -32.71 -2.94
C GLU A 236 -1.28 -31.25 -3.07
N GLU A 237 -1.29 -30.77 -4.31
CA GLU A 237 -1.01 -29.35 -4.60
C GLU A 237 -2.03 -28.41 -3.92
N LYS A 238 -3.33 -28.75 -3.95
CA LYS A 238 -4.34 -27.96 -3.22
C LYS A 238 -4.00 -27.84 -1.74
N ASP A 239 -3.62 -28.96 -1.11
CA ASP A 239 -3.28 -29.00 0.30
C ASP A 239 -2.06 -28.16 0.63
N LYS A 240 -1.14 -28.06 -0.32
CA LYS A 240 0.02 -27.18 -0.17
C LYS A 240 -0.48 -25.73 0.01
N TRP A 241 -1.45 -25.34 -0.79
CA TRP A 241 -2.02 -23.99 -0.69
C TRP A 241 -2.84 -23.81 0.59
N ARG A 242 -3.72 -24.78 0.87
CA ARG A 242 -4.52 -24.77 2.07
C ARG A 242 -3.71 -24.63 3.34
N ARG A 243 -2.58 -25.34 3.43
CA ARG A 243 -1.78 -25.29 4.64
C ARG A 243 -1.16 -23.92 4.92
N LYS A 244 -1.12 -23.05 3.92
CA LYS A 244 -0.59 -21.68 4.06
C LYS A 244 -1.53 -20.70 4.77
N VAL A 245 -2.82 -21.02 4.82
CA VAL A 245 -3.86 -20.08 5.27
C VAL A 245 -3.97 -20.09 6.80
N PRO A 246 -3.62 -18.96 7.47
CA PRO A 246 -3.65 -18.93 8.95
C PRO A 246 -5.02 -19.27 9.51
N LEU A 247 -6.09 -18.79 8.88
CA LEU A 247 -7.45 -18.93 9.39
C LEU A 247 -8.08 -20.25 8.90
N GLY A 248 -7.74 -21.33 9.58
CA GLY A 248 -8.37 -22.58 9.29
C GLY A 248 -7.66 -23.51 8.33
N ARG A 249 -6.50 -23.11 7.79
CA ARG A 249 -5.74 -23.97 6.88
C ARG A 249 -6.62 -24.52 5.78
N ARG A 250 -7.45 -23.66 5.20
CA ARG A 250 -8.38 -24.05 4.20
C ARG A 250 -8.70 -22.85 3.29
N GLU A 251 -9.11 -23.18 2.08
CA GLU A 251 -9.48 -22.17 1.08
C GLU A 251 -10.83 -21.60 1.41
N ALA A 252 -11.11 -20.36 0.98
CA ALA A 252 -12.45 -19.79 1.08
C ALA A 252 -13.42 -20.61 0.23
N SER A 253 -14.59 -20.89 0.79
CA SER A 253 -15.71 -21.33 -0.01
C SER A 253 -16.17 -20.24 -0.97
N ALA A 254 -16.81 -20.67 -2.07
CA ALA A 254 -17.42 -19.77 -3.00
C ALA A 254 -18.45 -18.93 -2.24
N GLU A 255 -19.19 -19.52 -1.31
CA GLU A 255 -20.18 -18.74 -0.57
C GLU A 255 -19.54 -17.58 0.22
N GLN A 256 -18.41 -17.85 0.86
CA GLN A 256 -17.67 -16.82 1.63
C GLN A 256 -17.28 -15.61 0.76
N ILE A 257 -16.87 -15.87 -0.47
CA ILE A 257 -16.55 -14.77 -1.40
C ILE A 257 -17.84 -14.00 -1.73
N ALA A 258 -18.89 -14.76 -2.02
CA ALA A 258 -20.20 -14.19 -2.37
C ALA A 258 -20.75 -13.31 -1.24
N ASP A 259 -20.49 -13.71 0.01
CA ASP A 259 -20.98 -12.94 1.18
C ASP A 259 -20.46 -11.51 1.18
N ALA A 260 -19.18 -11.34 0.82
CA ALA A 260 -18.58 -10.02 0.78
C ALA A 260 -19.14 -9.18 -0.36
N VAL A 261 -19.38 -9.84 -1.50
CA VAL A 261 -20.05 -9.16 -2.61
C VAL A 261 -21.44 -8.60 -2.18
N ILE A 262 -22.20 -9.46 -1.52
CA ILE A 262 -23.55 -9.14 -1.09
C ILE A 262 -23.53 -8.01 -0.09
N PHE A 263 -22.55 -8.01 0.81
CA PHE A 263 -22.37 -6.85 1.67
C PHE A 263 -22.16 -5.56 0.86
N LEU A 264 -21.20 -5.60 -0.07
CA LEU A 264 -20.89 -4.38 -0.78
C LEU A 264 -22.05 -3.89 -1.62
N VAL A 265 -22.89 -4.77 -2.14
CA VAL A 265 -24.04 -4.27 -2.93
C VAL A 265 -25.17 -3.76 -2.06
N SER A 266 -25.17 -4.13 -0.77
CA SER A 266 -26.29 -3.86 0.14
C SER A 266 -26.33 -2.42 0.64
N GLY A 267 -27.44 -2.02 1.25
CA GLY A 267 -27.59 -0.69 1.87
C GLY A 267 -26.72 -0.55 3.12
N SER A 268 -26.15 -1.66 3.60
CA SER A 268 -25.17 -1.61 4.68
C SER A 268 -23.80 -1.10 4.28
N ALA A 269 -23.58 -0.89 2.97
CA ALA A 269 -22.34 -0.38 2.43
C ALA A 269 -22.57 0.87 1.60
N GLN A 270 -23.67 1.61 1.87
CA GLN A 270 -23.97 2.75 1.00
C GLN A 270 -23.05 3.96 1.08
N TYR A 271 -22.15 4.03 2.05
CA TYR A 271 -21.06 5.02 2.02
C TYR A 271 -19.70 4.50 1.52
N ILE A 272 -19.64 3.21 1.16
CA ILE A 272 -18.41 2.55 0.78
C ILE A 272 -18.24 2.58 -0.74
N THR A 273 -17.16 3.19 -1.19
CA THR A 273 -16.82 3.22 -2.60
C THR A 273 -15.30 3.36 -2.66
N GLY A 274 -14.74 2.63 -3.63
CA GLY A 274 -13.32 2.56 -3.84
C GLY A 274 -12.58 1.64 -2.87
N SER A 275 -13.34 0.80 -2.17
CA SER A 275 -12.78 -0.15 -1.20
C SER A 275 -12.63 -1.54 -1.76
N ILE A 276 -11.53 -2.19 -1.42
CA ILE A 276 -11.31 -3.55 -1.84
C ILE A 276 -11.17 -4.41 -0.57
N ILE A 277 -12.12 -5.29 -0.34
CA ILE A 277 -12.17 -6.12 0.83
C ILE A 277 -11.44 -7.42 0.51
N LYS A 278 -10.32 -7.69 1.20
CA LYS A 278 -9.64 -9.00 1.18
C LYS A 278 -10.56 -10.02 1.88
N VAL A 279 -10.71 -11.18 1.27
CA VAL A 279 -11.42 -12.34 1.81
C VAL A 279 -10.42 -13.52 1.65
N ASP A 280 -9.41 -13.51 2.50
CA ASP A 280 -8.21 -14.32 2.32
C ASP A 280 -7.75 -15.11 3.57
N GLY A 281 -8.50 -15.04 4.66
CA GLY A 281 -8.15 -15.80 5.86
C GLY A 281 -6.74 -15.54 6.36
N GLY A 282 -6.23 -14.30 6.08
CA GLY A 282 -4.91 -13.88 6.49
C GLY A 282 -3.74 -14.26 5.59
N LEU A 283 -4.02 -14.89 4.44
CA LEU A 283 -2.93 -15.43 3.60
C LEU A 283 -1.94 -14.34 3.18
N SER A 284 -2.42 -13.17 2.79
CA SER A 284 -1.55 -12.09 2.34
C SER A 284 -0.62 -11.53 3.42
N LEU A 285 -0.87 -11.85 4.67
CA LEU A 285 -0.06 -11.40 5.75
C LEU A 285 1.11 -12.33 6.09
N VAL A 286 1.16 -13.53 5.46
CA VAL A 286 2.15 -14.57 5.82
C VAL A 286 3.41 -14.34 4.98
N HIS A 287 4.53 -14.06 5.61
CA HIS A 287 5.80 -13.95 4.88
C HIS A 287 6.28 -15.26 4.27
N ALA A 288 7.25 -15.13 3.37
CA ALA A 288 7.95 -16.28 2.79
C ALA A 288 8.43 -17.28 3.83
N GLU B 22 -27.06 -19.00 24.21
CA GLU B 22 -27.22 -17.68 24.89
C GLU B 22 -26.57 -16.53 24.06
N ALA B 23 -26.83 -15.29 24.46
CA ALA B 23 -26.45 -14.16 23.64
C ALA B 23 -24.93 -13.88 23.75
N PRO B 24 -24.28 -13.54 22.62
CA PRO B 24 -22.88 -13.20 22.69
C PRO B 24 -22.68 -11.83 23.35
N ALA B 25 -21.44 -11.50 23.66
CA ALA B 25 -21.15 -10.27 24.38
C ALA B 25 -20.02 -9.51 23.70
N ALA B 26 -20.12 -8.16 23.68
CA ALA B 26 -19.13 -7.28 23.06
C ALA B 26 -18.67 -6.22 24.03
N VAL B 27 -17.38 -5.90 23.98
CA VAL B 27 -16.84 -4.69 24.57
C VAL B 27 -16.62 -3.62 23.49
N VAL B 28 -17.15 -2.42 23.71
CA VAL B 28 -16.86 -1.30 22.85
C VAL B 28 -16.20 -0.19 23.67
N THR B 29 -14.98 0.23 23.30
CA THR B 29 -14.33 1.27 24.05
C THR B 29 -14.84 2.63 23.55
N GLY B 30 -14.88 3.62 24.42
CA GLY B 30 -15.33 4.96 24.03
C GLY B 30 -16.74 4.95 23.43
N ALA B 31 -17.64 4.23 24.08
CA ALA B 31 -19.01 3.96 23.57
C ALA B 31 -20.11 4.88 24.01
N ALA B 32 -19.75 5.92 24.75
CA ALA B 32 -20.77 6.82 25.29
C ALA B 32 -21.41 7.67 24.24
N LYS B 33 -20.64 8.00 23.20
CA LYS B 33 -21.06 9.00 22.22
C LYS B 33 -20.68 8.65 20.78
N ARG B 34 -21.32 9.39 19.86
CA ARG B 34 -20.85 9.47 18.46
C ARG B 34 -20.68 8.06 17.86
N ILE B 35 -19.52 7.72 17.29
CA ILE B 35 -19.38 6.46 16.60
C ILE B 35 -19.44 5.25 17.53
N GLY B 36 -18.76 5.31 18.67
CA GLY B 36 -18.77 4.22 19.63
C GLY B 36 -20.19 3.88 20.10
N ARG B 37 -20.97 4.91 20.39
CA ARG B 37 -22.36 4.74 20.76
C ARG B 37 -23.14 3.99 19.70
N ALA B 38 -23.02 4.41 18.44
CA ALA B 38 -23.74 3.80 17.32
C ALA B 38 -23.39 2.34 17.15
N ILE B 39 -22.10 2.00 17.31
CA ILE B 39 -21.63 0.63 17.29
C ILE B 39 -22.25 -0.20 18.39
N ALA B 40 -22.28 0.34 19.60
CA ALA B 40 -22.87 -0.39 20.69
C ALA B 40 -24.36 -0.64 20.46
N VAL B 41 -25.09 0.38 20.00
CA VAL B 41 -26.53 0.24 19.72
C VAL B 41 -26.75 -0.85 18.66
N LYS B 42 -25.99 -0.79 17.57
CA LYS B 42 -26.18 -1.80 16.53
C LYS B 42 -25.84 -3.21 16.96
N LEU B 43 -24.78 -3.33 17.74
CA LEU B 43 -24.42 -4.62 18.25
C LEU B 43 -25.57 -5.13 19.16
N HIS B 44 -26.08 -4.26 20.00
CA HIS B 44 -27.20 -4.62 20.89
C HIS B 44 -28.43 -5.02 20.09
N GLN B 45 -28.79 -4.22 19.09
CA GLN B 45 -29.92 -4.56 18.20
C GLN B 45 -29.70 -5.91 17.48
N THR B 46 -28.44 -6.26 17.22
CA THR B 46 -28.10 -7.53 16.61
C THR B 46 -28.24 -8.71 17.53
N GLY B 47 -28.37 -8.49 18.85
CA GLY B 47 -28.44 -9.59 19.83
C GLY B 47 -27.29 -9.68 20.84
N TYR B 48 -26.29 -8.80 20.76
CA TYR B 48 -25.18 -8.79 21.67
C TYR B 48 -25.53 -8.13 23.01
N ARG B 49 -24.98 -8.69 24.08
CA ARG B 49 -24.89 -7.96 25.34
C ARG B 49 -23.65 -7.06 25.24
N VAL B 50 -23.73 -5.86 25.82
CA VAL B 50 -22.62 -4.90 25.62
C VAL B 50 -22.00 -4.33 26.90
N VAL B 51 -20.67 -4.28 26.92
CA VAL B 51 -19.95 -3.45 27.86
C VAL B 51 -19.63 -2.08 27.21
N ILE B 52 -20.18 -1.02 27.78
CA ILE B 52 -20.01 0.37 27.33
C ILE B 52 -18.86 0.97 28.13
N HIS B 53 -17.66 0.95 27.57
CA HIS B 53 -16.51 1.53 28.24
C HIS B 53 -16.58 3.05 28.00
N TYR B 54 -16.14 3.82 28.98
CA TYR B 54 -16.11 5.28 28.86
C TYR B 54 -14.98 5.83 29.70
N HIS B 55 -14.60 7.07 29.45
CA HIS B 55 -13.58 7.74 30.23
C HIS B 55 -14.20 8.88 31.05
N ASN B 56 -14.51 9.99 30.43
CA ASN B 56 -15.10 11.13 31.12
C ASN B 56 -16.62 11.21 30.99
N SER B 57 -17.23 10.51 30.03
CA SER B 57 -18.65 10.74 29.69
C SER B 57 -19.59 9.78 30.45
N ALA B 58 -19.60 9.92 31.77
CA ALA B 58 -20.35 8.93 32.58
C ALA B 58 -21.84 9.07 32.36
N GLU B 59 -22.32 10.28 32.26
CA GLU B 59 -23.73 10.48 32.19
C GLU B 59 -24.26 9.87 30.88
N ALA B 60 -23.54 10.08 29.76
CA ALA B 60 -23.95 9.56 28.48
C ALA B 60 -23.83 8.03 28.45
N ALA B 61 -22.78 7.50 29.05
CA ALA B 61 -22.59 6.04 29.09
C ALA B 61 -23.77 5.33 29.82
N VAL B 62 -24.10 5.88 30.99
CA VAL B 62 -25.20 5.40 31.82
C VAL B 62 -26.55 5.55 31.13
N SER B 63 -26.82 6.69 30.49
CA SER B 63 -28.06 6.83 29.78
C SER B 63 -28.15 5.85 28.62
N LEU B 64 -27.03 5.57 27.95
CA LEU B 64 -27.05 4.53 26.90
C LEU B 64 -27.36 3.16 27.52
N ALA B 65 -26.71 2.86 28.62
CA ALA B 65 -26.92 1.53 29.30
C ALA B 65 -28.38 1.37 29.73
N ASP B 66 -28.92 2.42 30.34
CA ASP B 66 -30.34 2.42 30.69
C ASP B 66 -31.28 2.19 29.49
N GLU B 67 -31.06 2.94 28.39
CA GLU B 67 -31.85 2.75 27.19
C GLU B 67 -31.79 1.28 26.70
N LEU B 68 -30.58 0.72 26.62
CA LEU B 68 -30.41 -0.66 26.17
C LEU B 68 -31.03 -1.66 27.13
N ASN B 69 -30.93 -1.41 28.44
CA ASN B 69 -31.51 -2.36 29.40
C ASN B 69 -33.04 -2.33 29.48
N LYS B 70 -33.62 -1.18 29.12
CA LYS B 70 -35.07 -1.01 28.93
C LYS B 70 -35.50 -1.86 27.75
N GLU B 71 -34.68 -1.87 26.70
CA GLU B 71 -34.93 -2.76 25.59
C GLU B 71 -34.88 -4.22 25.99
N ARG B 72 -33.80 -4.65 26.62
CA ARG B 72 -33.69 -6.03 27.12
C ARG B 72 -32.97 -5.99 28.43
N SER B 73 -33.62 -6.46 29.51
CA SER B 73 -33.00 -6.39 30.84
C SER B 73 -31.68 -7.09 30.93
N ASN B 74 -30.75 -6.52 31.71
CA ASN B 74 -29.44 -7.12 31.95
C ASN B 74 -28.63 -7.45 30.70
N THR B 75 -28.65 -6.53 29.76
CA THR B 75 -27.87 -6.72 28.56
C THR B 75 -26.80 -5.61 28.33
N ALA B 76 -26.68 -4.63 29.24
CA ALA B 76 -25.68 -3.55 29.10
C ALA B 76 -25.14 -3.17 30.46
N VAL B 77 -23.81 -3.00 30.52
CA VAL B 77 -23.13 -2.49 31.69
C VAL B 77 -22.12 -1.44 31.23
N VAL B 78 -21.67 -0.61 32.15
CA VAL B 78 -20.66 0.39 31.83
C VAL B 78 -19.38 0.03 32.51
N CYS B 79 -18.27 0.56 31.99
CA CYS B 79 -16.99 0.30 32.58
C CYS B 79 -16.10 1.51 32.38
N GLN B 80 -15.66 2.14 33.45
CA GLN B 80 -14.87 3.38 33.35
C GLN B 80 -13.38 3.10 33.37
N ALA B 81 -12.63 3.66 32.43
CA ALA B 81 -11.16 3.61 32.46
C ALA B 81 -10.54 4.66 31.54
N ASP B 82 -9.41 5.19 31.97
CA ASP B 82 -8.53 6.00 31.17
C ASP B 82 -7.67 5.03 30.41
N LEU B 83 -7.56 5.24 29.10
CA LEU B 83 -6.72 4.36 28.23
C LEU B 83 -5.42 5.08 27.77
N THR B 84 -5.08 6.18 28.44
CA THR B 84 -3.76 6.80 28.31
C THR B 84 -2.69 5.77 28.68
N ASN B 85 -1.57 5.81 27.97
CA ASN B 85 -0.44 4.93 28.30
C ASN B 85 0.15 5.27 29.68
N SER B 86 0.37 4.23 30.47
CA SER B 86 0.99 4.36 31.77
C SER B 86 1.38 2.96 32.29
N ASN B 87 1.95 2.93 33.50
CA ASN B 87 2.28 1.69 34.20
C ASN B 87 1.06 0.88 34.56
N VAL B 88 -0.10 1.50 34.69
CA VAL B 88 -1.31 0.79 35.07
C VAL B 88 -2.25 0.44 33.92
N LEU B 89 -1.89 0.84 32.69
CA LEU B 89 -2.75 0.54 31.54
C LEU B 89 -3.00 -0.96 31.35
N PRO B 90 -1.98 -1.82 31.54
CA PRO B 90 -2.25 -3.24 31.30
C PRO B 90 -3.28 -3.77 32.26
N ALA B 91 -3.21 -3.36 33.52
CA ALA B 91 -4.20 -3.78 34.48
C ALA B 91 -5.56 -3.21 34.13
N SER B 92 -5.63 -1.95 33.73
CA SER B 92 -6.92 -1.39 33.35
C SER B 92 -7.55 -2.18 32.18
N CYS B 93 -6.75 -2.45 31.18
CA CYS B 93 -7.26 -3.21 30.03
C CYS B 93 -7.69 -4.65 30.42
N GLU B 94 -6.93 -5.31 31.27
CA GLU B 94 -7.38 -6.59 31.76
C GLU B 94 -8.72 -6.49 32.46
N GLU B 95 -8.91 -5.43 33.20
CA GLU B 95 -10.12 -5.25 33.99
C GLU B 95 -11.31 -4.95 33.10
N ILE B 96 -11.09 -4.22 32.02
CA ILE B 96 -12.16 -4.06 31.07
C ILE B 96 -12.67 -5.38 30.49
N ILE B 97 -11.72 -6.25 30.10
CA ILE B 97 -12.11 -7.55 29.58
C ILE B 97 -12.80 -8.38 30.69
N ASN B 98 -12.20 -8.42 31.87
CA ASN B 98 -12.81 -9.12 32.96
C ASN B 98 -14.24 -8.67 33.22
N SER B 99 -14.54 -7.38 33.05
CA SER B 99 -15.88 -6.91 33.34
C SER B 99 -16.94 -7.51 32.41
N CYS B 100 -16.61 -7.74 31.14
CA CYS B 100 -17.49 -8.42 30.23
C CYS B 100 -17.74 -9.85 30.73
N PHE B 101 -16.67 -10.55 31.12
CA PHE B 101 -16.83 -11.91 31.67
C PHE B 101 -17.66 -11.94 32.97
N ARG B 102 -17.41 -11.01 33.88
CA ARG B 102 -18.24 -10.92 35.13
C ARG B 102 -19.69 -10.63 34.85
N ALA B 103 -19.98 -9.76 33.88
CA ALA B 103 -21.34 -9.42 33.54
C ALA B 103 -22.02 -10.51 32.75
N PHE B 104 -21.35 -11.13 31.80
CA PHE B 104 -22.07 -11.87 30.79
C PHE B 104 -21.56 -13.29 30.61
N GLY B 105 -20.46 -13.65 31.27
CA GLY B 105 -19.96 -15.04 31.21
C GLY B 105 -19.10 -15.39 30.02
N ARG B 106 -18.87 -14.41 29.15
CA ARG B 106 -18.17 -14.64 27.89
C ARG B 106 -17.83 -13.27 27.28
N CYS B 107 -16.95 -13.28 26.27
CA CYS B 107 -16.56 -12.05 25.54
C CYS B 107 -16.16 -12.49 24.14
N ASP B 108 -17.06 -12.19 23.21
CA ASP B 108 -16.97 -12.66 21.84
C ASP B 108 -16.37 -11.61 20.94
N VAL B 109 -16.64 -10.33 21.22
CA VAL B 109 -16.26 -9.22 20.33
C VAL B 109 -15.61 -8.07 21.13
N LEU B 110 -14.50 -7.57 20.60
CA LEU B 110 -13.87 -6.37 21.10
C LEU B 110 -13.81 -5.37 19.98
N VAL B 111 -14.26 -4.17 20.29
CA VAL B 111 -14.23 -3.05 19.33
C VAL B 111 -13.39 -1.93 19.97
N ASN B 112 -12.23 -1.66 19.37
CA ASN B 112 -11.32 -0.64 19.82
C ASN B 112 -11.64 0.65 19.08
N ASN B 113 -12.43 1.46 19.74
CA ASN B 113 -12.96 2.69 19.17
C ASN B 113 -12.44 3.94 19.86
N ALA B 114 -12.25 3.90 21.18
CA ALA B 114 -11.82 5.08 21.94
C ALA B 114 -10.54 5.67 21.34
N SER B 115 -10.45 7.01 21.26
CA SER B 115 -9.35 7.64 20.58
C SER B 115 -9.19 9.09 20.98
N ALA B 116 -8.00 9.47 21.44
CA ALA B 116 -7.60 10.90 21.54
C ALA B 116 -7.20 11.43 20.20
N PHE B 117 -7.52 12.70 19.92
CA PHE B 117 -7.30 13.25 18.60
C PHE B 117 -7.13 14.74 18.74
N TYR B 118 -5.92 15.21 18.46
CA TYR B 118 -5.62 16.63 18.46
C TYR B 118 -4.22 16.82 17.87
N PRO B 119 -3.92 18.02 17.39
CA PRO B 119 -2.65 18.33 16.79
C PRO B 119 -1.49 18.30 17.75
N THR B 120 -0.35 17.89 17.24
CA THR B 120 0.91 17.93 17.98
C THR B 120 2.02 18.41 17.02
N PRO B 121 2.08 19.71 16.78
CA PRO B 121 3.05 20.18 15.79
C PRO B 121 4.49 19.89 16.14
N LEU B 122 5.28 19.65 15.11
CA LEU B 122 6.68 19.31 15.28
C LEU B 122 7.50 20.53 15.64
N VAL B 123 7.09 21.70 15.19
CA VAL B 123 7.82 22.96 15.47
C VAL B 123 6.91 24.04 16.07
N GLN B 124 7.45 24.84 16.99
CA GLN B 124 6.67 25.78 17.84
C GLN B 124 6.80 27.25 17.40
N GLY B 133 -1.19 23.42 26.89
CA GLY B 133 -0.75 23.13 28.24
C GLY B 133 -0.06 21.77 28.42
N LYS B 134 -0.45 20.76 27.64
CA LYS B 134 0.05 19.38 27.86
C LYS B 134 1.51 19.24 27.47
N THR B 135 2.29 18.60 28.30
CA THR B 135 3.66 18.27 27.93
C THR B 135 3.63 17.28 26.72
N VAL B 136 4.72 17.19 25.99
CA VAL B 136 4.80 16.25 24.88
C VAL B 136 4.71 14.77 25.34
N GLU B 137 5.27 14.44 26.51
N GLU B 137 5.28 14.38 26.48
CA GLU B 137 5.22 13.09 27.04
CA GLU B 137 5.14 12.98 26.84
C GLU B 137 3.76 12.70 27.34
C GLU B 137 3.71 12.67 27.30
N THR B 138 2.95 13.65 27.79
CA THR B 138 1.53 13.43 27.98
C THR B 138 0.80 13.22 26.66
N GLN B 139 1.15 14.03 25.63
CA GLN B 139 0.53 13.90 24.31
C GLN B 139 0.84 12.52 23.70
N VAL B 140 2.08 12.07 23.88
CA VAL B 140 2.51 10.71 23.50
C VAL B 140 1.67 9.67 24.24
N ALA B 141 1.64 9.76 25.55
CA ALA B 141 0.87 8.83 26.36
C ALA B 141 -0.58 8.78 25.90
N GLU B 142 -1.20 9.93 25.66
CA GLU B 142 -2.62 9.92 25.31
C GLU B 142 -2.89 9.44 23.90
N LEU B 143 -2.17 10.02 22.95
CA LEU B 143 -2.40 9.70 21.54
C LEU B 143 -1.96 8.27 21.17
N ILE B 144 -0.77 7.86 21.62
CA ILE B 144 -0.30 6.52 21.31
C ILE B 144 -0.97 5.51 22.20
N GLY B 145 -1.25 5.86 23.44
CA GLY B 145 -1.94 4.91 24.36
C GLY B 145 -3.34 4.59 23.88
N THR B 146 -4.17 5.62 23.60
CA THR B 146 -5.55 5.35 23.18
C THR B 146 -5.62 4.68 21.83
N ASN B 147 -4.81 5.14 20.88
CA ASN B 147 -4.99 4.66 19.49
C ASN B 147 -4.26 3.37 19.18
N ALA B 148 -3.32 2.97 20.03
CA ALA B 148 -2.45 1.83 19.74
C ALA B 148 -2.14 0.87 20.92
N ILE B 149 -1.64 1.40 22.03
CA ILE B 149 -1.19 0.55 23.12
C ILE B 149 -2.39 -0.07 23.81
N ALA B 150 -3.41 0.73 24.10
CA ALA B 150 -4.60 0.17 24.74
C ALA B 150 -5.24 -0.91 23.87
N PRO B 151 -5.40 -0.64 22.55
CA PRO B 151 -5.84 -1.72 21.69
C PRO B 151 -5.01 -3.00 21.79
N PHE B 152 -3.69 -2.87 21.86
CA PHE B 152 -2.81 -4.02 21.96
C PHE B 152 -3.03 -4.76 23.30
N LEU B 153 -3.12 -4.04 24.41
CA LEU B 153 -3.28 -4.66 25.73
C LEU B 153 -4.69 -5.32 25.85
N LEU B 154 -5.69 -4.64 25.35
CA LEU B 154 -7.04 -5.20 25.26
C LEU B 154 -7.08 -6.46 24.41
N THR B 155 -6.37 -6.46 23.29
CA THR B 155 -6.21 -7.65 22.45
C THR B 155 -5.55 -8.80 23.20
N MET B 156 -4.47 -8.56 23.91
CA MET B 156 -3.83 -9.62 24.73
C MET B 156 -4.80 -10.19 25.72
N SER B 157 -5.44 -9.31 26.48
CA SER B 157 -6.35 -9.73 27.53
C SER B 157 -7.54 -10.50 26.95
N PHE B 158 -8.04 -10.03 25.82
CA PHE B 158 -9.18 -10.66 25.14
C PHE B 158 -8.76 -12.07 24.78
N ALA B 159 -7.59 -12.18 24.17
CA ALA B 159 -7.11 -13.48 23.70
C ALA B 159 -6.72 -14.40 24.87
N GLN B 160 -6.10 -13.83 25.90
CA GLN B 160 -5.72 -14.60 27.09
C GLN B 160 -6.94 -15.29 27.72
N ARG B 161 -8.07 -14.59 27.77
CA ARG B 161 -9.32 -15.23 28.22
C ARG B 161 -9.94 -16.27 27.27
N GLN B 162 -9.37 -16.50 26.08
CA GLN B 162 -9.87 -17.56 25.15
C GLN B 162 -8.88 -18.75 24.97
N SER B 171 -19.36 -23.46 16.81
CA SER B 171 -20.29 -22.36 16.63
C SER B 171 -19.85 -20.98 17.22
N SER B 172 -18.62 -20.85 17.69
CA SER B 172 -18.16 -19.55 18.22
C SER B 172 -17.80 -18.64 17.03
N ASN B 173 -17.98 -17.33 17.21
CA ASN B 173 -17.52 -16.36 16.22
C ASN B 173 -16.84 -15.21 16.94
N LEU B 174 -15.58 -15.40 17.26
CA LEU B 174 -14.81 -14.43 18.04
C LEU B 174 -14.12 -13.47 17.11
N SER B 175 -14.23 -12.16 17.35
CA SER B 175 -13.40 -11.24 16.57
C SER B 175 -13.15 -9.89 17.25
N ILE B 176 -12.20 -9.16 16.68
CA ILE B 176 -11.85 -7.82 17.12
C ILE B 176 -12.01 -6.88 15.93
N VAL B 177 -12.54 -5.68 16.17
CA VAL B 177 -12.55 -4.66 15.11
C VAL B 177 -11.91 -3.39 15.66
N ASN B 178 -10.88 -2.90 14.98
CA ASN B 178 -10.16 -1.72 15.33
C ASN B 178 -10.61 -0.58 14.45
N LEU B 179 -10.89 0.55 15.06
CA LEU B 179 -11.32 1.72 14.31
C LEU B 179 -10.07 2.49 13.90
N CYS B 180 -9.80 2.49 12.58
CA CYS B 180 -8.60 2.98 11.97
C CYS B 180 -8.92 4.32 11.32
N ASP B 181 -8.17 4.70 10.29
CA ASP B 181 -8.35 6.01 9.66
C ASP B 181 -7.97 5.87 8.19
N ALA B 182 -8.92 6.17 7.31
CA ALA B 182 -8.70 5.99 5.90
C ALA B 182 -7.65 6.92 5.35
N MET B 183 -7.41 8.04 6.04
CA MET B 183 -6.53 9.10 5.56
C MET B 183 -5.11 9.02 6.12
N VAL B 184 -4.76 7.86 6.63
CA VAL B 184 -3.50 7.64 7.30
C VAL B 184 -2.28 7.88 6.38
N ASP B 185 -2.41 7.69 5.06
CA ASP B 185 -1.32 7.99 4.11
C ASP B 185 -1.41 9.38 3.49
N GLN B 186 -2.45 10.15 3.86
CA GLN B 186 -2.56 11.55 3.46
C GLN B 186 -2.98 12.35 4.69
N PRO B 187 -2.12 12.41 5.68
CA PRO B 187 -2.60 12.89 6.99
C PRO B 187 -2.90 14.39 7.06
N CYS B 188 -3.66 14.80 8.07
CA CYS B 188 -3.77 16.24 8.37
C CYS B 188 -2.47 16.78 8.83
N MET B 189 -2.22 18.00 8.42
CA MET B 189 -1.04 18.71 8.83
C MET B 189 -0.97 18.82 10.36
N ALA B 190 0.18 18.54 10.93
CA ALA B 190 0.48 18.73 12.36
C ALA B 190 -0.19 17.70 13.30
N PHE B 191 -0.56 16.53 12.75
CA PHE B 191 -1.12 15.45 13.51
C PHE B 191 -0.21 14.22 13.55
N SER B 192 1.10 14.41 13.69
CA SER B 192 2.04 13.31 13.62
CA SER B 192 2.07 13.32 13.65
C SER B 192 1.75 12.20 14.65
N LEU B 193 1.55 12.56 15.92
CA LEU B 193 1.39 11.53 16.94
C LEU B 193 0.12 10.74 16.76
N TYR B 194 -0.97 11.44 16.47
CA TYR B 194 -2.27 10.78 16.12
C TYR B 194 -2.05 9.80 14.94
N ASN B 195 -1.41 10.30 13.89
N ASN B 195 -1.40 10.29 13.88
CA ASN B 195 -1.17 9.48 12.70
CA ASN B 195 -1.19 9.46 12.70
C ASN B 195 -0.24 8.29 12.98
C ASN B 195 -0.24 8.29 12.97
N MET B 196 0.77 8.52 13.80
CA MET B 196 1.64 7.41 14.25
C MET B 196 0.81 6.32 14.97
N GLY B 197 -0.10 6.78 15.81
CA GLY B 197 -0.99 5.91 16.53
C GLY B 197 -1.89 5.08 15.67
N LYS B 198 -2.53 5.71 14.73
CA LYS B 198 -3.35 4.98 13.77
C LYS B 198 -2.55 4.03 12.85
N HIS B 199 -1.34 4.42 12.44
CA HIS B 199 -0.48 3.51 11.67
C HIS B 199 -0.13 2.29 12.53
N ALA B 200 0.23 2.49 13.80
CA ALA B 200 0.49 1.38 14.72
C ALA B 200 -0.69 0.48 14.83
N LEU B 201 -1.86 1.07 14.82
CA LEU B 201 -3.09 0.27 14.89
C LEU B 201 -3.28 -0.67 13.66
N VAL B 202 -2.85 -0.25 12.47
CA VAL B 202 -2.89 -1.11 11.26
C VAL B 202 -1.95 -2.27 11.51
N GLY B 203 -0.76 -1.96 12.03
CA GLY B 203 0.25 -2.97 12.37
C GLY B 203 -0.32 -3.98 13.35
N LEU B 204 -0.98 -3.51 14.40
CA LEU B 204 -1.61 -4.42 15.35
C LEU B 204 -2.68 -5.30 14.70
N THR B 205 -3.55 -4.67 13.91
CA THR B 205 -4.61 -5.41 13.20
C THR B 205 -4.01 -6.58 12.40
N GLN B 206 -2.96 -6.29 11.63
CA GLN B 206 -2.24 -7.34 10.85
C GLN B 206 -1.49 -8.37 11.73
N SER B 207 -0.69 -7.91 12.70
CA SER B 207 0.08 -8.84 13.58
C SER B 207 -0.86 -9.75 14.37
N ALA B 208 -1.92 -9.16 14.93
CA ALA B 208 -2.91 -9.94 15.73
C ALA B 208 -3.77 -10.87 14.87
N ALA B 209 -4.10 -10.45 13.66
CA ALA B 209 -4.86 -11.34 12.74
C ALA B 209 -4.08 -12.60 12.48
N LEU B 210 -2.79 -12.42 12.25
CA LEU B 210 -1.90 -13.56 11.99
C LEU B 210 -1.74 -14.48 13.22
N GLU B 211 -1.46 -13.84 14.36
CA GLU B 211 -1.11 -14.57 15.54
C GLU B 211 -2.33 -15.26 16.21
N LEU B 212 -3.50 -14.67 16.10
CA LEU B 212 -4.69 -15.16 16.76
C LEU B 212 -5.57 -16.05 15.87
N ALA B 213 -5.21 -16.17 14.60
CA ALA B 213 -5.99 -16.95 13.66
C ALA B 213 -6.08 -18.42 14.13
N PRO B 214 -5.00 -18.98 14.72
CA PRO B 214 -5.12 -20.36 15.23
C PRO B 214 -6.17 -20.56 16.27
N TYR B 215 -6.55 -19.51 17.00
CA TYR B 215 -7.57 -19.60 18.02
C TYR B 215 -8.96 -19.26 17.51
N GLY B 216 -9.08 -19.00 16.21
CA GLY B 216 -10.36 -18.70 15.63
C GLY B 216 -10.76 -17.23 15.80
N ILE B 217 -9.82 -16.39 16.25
CA ILE B 217 -10.15 -15.03 16.51
C ILE B 217 -9.71 -14.23 15.31
N ARG B 218 -10.67 -13.57 14.68
CA ARG B 218 -10.41 -12.73 13.50
C ARG B 218 -10.20 -11.29 13.99
N VAL B 219 -9.34 -10.55 13.32
CA VAL B 219 -8.99 -9.19 13.67
C VAL B 219 -8.99 -8.32 12.42
N ASN B 220 -9.85 -7.30 12.42
CA ASN B 220 -10.08 -6.50 11.24
C ASN B 220 -10.23 -5.03 11.63
N GLY B 221 -10.31 -4.19 10.61
CA GLY B 221 -10.53 -2.75 10.86
C GLY B 221 -11.60 -2.13 10.03
N VAL B 222 -12.15 -1.03 10.56
CA VAL B 222 -13.01 -0.14 9.83
C VAL B 222 -12.32 1.22 9.84
N ALA B 223 -12.13 1.79 8.67
CA ALA B 223 -11.41 3.05 8.48
C ALA B 223 -12.33 4.16 7.94
N PRO B 224 -12.90 4.97 8.83
CA PRO B 224 -13.68 6.13 8.39
C PRO B 224 -12.77 7.12 7.73
N GLY B 225 -13.35 7.97 6.87
CA GLY B 225 -12.60 9.09 6.29
C GLY B 225 -12.99 10.38 7.05
N VAL B 226 -14.10 10.98 6.65
CA VAL B 226 -14.76 11.99 7.43
C VAL B 226 -16.10 11.43 7.81
N SER B 227 -16.28 11.24 9.10
CA SER B 227 -17.55 10.84 9.67
C SER B 227 -17.93 12.04 10.54
N LEU B 228 -18.54 11.80 11.67
CA LEU B 228 -19.04 12.90 12.50
C LEU B 228 -17.96 13.91 12.79
N LEU B 229 -18.19 15.16 12.40
CA LEU B 229 -17.19 16.22 12.60
C LEU B 229 -17.19 16.71 14.06
N PRO B 230 -16.11 17.40 14.49
CA PRO B 230 -16.08 17.70 15.91
C PRO B 230 -17.25 18.59 16.27
N VAL B 231 -17.73 18.41 17.49
CA VAL B 231 -19.02 19.05 17.90
C VAL B 231 -19.08 20.59 17.77
N ALA B 232 -18.05 21.29 18.16
CA ALA B 232 -18.12 22.77 18.14
C ALA B 232 -17.71 23.35 16.76
N MET B 233 -17.27 22.48 15.83
CA MET B 233 -16.72 22.91 14.54
C MET B 233 -17.77 23.74 13.78
N GLY B 234 -17.40 24.94 13.34
CA GLY B 234 -18.33 25.73 12.51
C GLY B 234 -18.83 24.98 11.29
N GLU B 235 -20.13 25.11 10.95
CA GLU B 235 -20.68 24.46 9.76
C GLU B 235 -19.90 24.80 8.49
N GLU B 236 -19.39 26.03 8.41
CA GLU B 236 -18.65 26.45 7.23
C GLU B 236 -17.33 25.65 7.09
N GLU B 237 -16.68 25.35 8.22
CA GLU B 237 -15.49 24.46 8.22
C GLU B 237 -15.92 22.99 7.91
N LYS B 238 -17.01 22.54 8.53
CA LYS B 238 -17.52 21.19 8.24
C LYS B 238 -17.75 21.03 6.73
N ASP B 239 -18.39 22.03 6.11
CA ASP B 239 -18.62 22.04 4.68
C ASP B 239 -17.34 21.96 3.81
N LYS B 240 -16.23 22.52 4.25
CA LYS B 240 -15.00 22.38 3.48
C LYS B 240 -14.68 20.88 3.34
N TRP B 241 -14.86 20.13 4.42
CA TRP B 241 -14.56 18.68 4.41
C TRP B 241 -15.61 17.94 3.60
N ARG B 242 -16.87 18.21 3.89
CA ARG B 242 -17.97 17.60 3.17
C ARG B 242 -17.82 17.72 1.67
N ARG B 243 -17.46 18.90 1.19
CA ARG B 243 -17.36 19.11 -0.25
C ARG B 243 -16.25 18.25 -0.91
N LYS B 244 -15.30 17.76 -0.14
CA LYS B 244 -14.23 16.91 -0.68
C LYS B 244 -14.66 15.45 -0.98
N VAL B 245 -15.77 15.01 -0.41
CA VAL B 245 -16.22 13.62 -0.47
C VAL B 245 -16.94 13.35 -1.80
N PRO B 246 -16.35 12.48 -2.64
CA PRO B 246 -16.98 12.20 -3.96
C PRO B 246 -18.42 11.70 -3.80
N LEU B 247 -18.65 10.76 -2.89
CA LEU B 247 -19.95 10.10 -2.77
C LEU B 247 -20.87 10.90 -1.85
N GLY B 248 -21.54 11.88 -2.44
CA GLY B 248 -22.60 12.60 -1.79
C GLY B 248 -22.25 13.93 -1.11
N ARG B 249 -20.98 14.35 -1.19
CA ARG B 249 -20.43 15.54 -0.55
C ARG B 249 -20.92 15.76 0.87
N ARG B 250 -20.81 14.69 1.67
CA ARG B 250 -21.30 14.61 3.04
C ARG B 250 -20.41 13.60 3.77
N GLU B 251 -20.28 13.82 5.08
CA GLU B 251 -19.62 12.94 6.00
C GLU B 251 -20.42 11.66 6.23
N ALA B 252 -19.75 10.60 6.66
CA ALA B 252 -20.48 9.38 7.02
C ALA B 252 -21.21 9.57 8.34
N SER B 253 -22.42 9.02 8.46
CA SER B 253 -23.10 8.95 9.77
C SER B 253 -22.36 7.91 10.64
N ALA B 254 -22.58 7.99 11.95
CA ALA B 254 -22.04 7.02 12.87
C ALA B 254 -22.58 5.65 12.53
N GLU B 255 -23.83 5.60 12.12
CA GLU B 255 -24.49 4.38 11.76
C GLU B 255 -23.91 3.67 10.52
N GLN B 256 -23.49 4.47 9.54
CA GLN B 256 -22.81 3.90 8.39
C GLN B 256 -21.48 3.23 8.78
N ILE B 257 -20.76 3.83 9.71
CA ILE B 257 -19.52 3.24 10.25
C ILE B 257 -19.90 1.98 10.97
N ALA B 258 -20.94 2.07 11.82
CA ALA B 258 -21.37 0.89 12.58
C ALA B 258 -21.73 -0.28 11.69
N ASP B 259 -22.36 -0.01 10.53
CA ASP B 259 -22.74 -1.08 9.60
C ASP B 259 -21.55 -1.97 9.18
N ALA B 260 -20.37 -1.35 8.95
CA ALA B 260 -19.21 -2.12 8.52
C ALA B 260 -18.67 -2.95 9.69
N VAL B 261 -18.73 -2.42 10.92
CA VAL B 261 -18.37 -3.20 12.12
C VAL B 261 -19.26 -4.45 12.23
N ILE B 262 -20.57 -4.25 12.11
CA ILE B 262 -21.58 -5.31 12.14
C ILE B 262 -21.27 -6.41 11.12
N PHE B 263 -20.97 -6.03 9.88
CA PHE B 263 -20.54 -6.99 8.89
C PHE B 263 -19.34 -7.78 9.33
N LEU B 264 -18.30 -7.10 9.82
CA LEU B 264 -17.07 -7.80 10.15
C LEU B 264 -17.23 -8.77 11.28
N VAL B 265 -18.11 -8.45 12.25
CA VAL B 265 -18.34 -9.39 13.35
C VAL B 265 -19.30 -10.51 12.97
N SER B 266 -19.98 -10.38 11.85
CA SER B 266 -21.05 -11.32 11.50
C SER B 266 -20.53 -12.64 10.98
N GLY B 267 -21.45 -13.58 10.87
CA GLY B 267 -21.24 -14.90 10.23
C GLY B 267 -20.94 -14.78 8.74
N SER B 268 -21.20 -13.62 8.14
CA SER B 268 -20.85 -13.39 6.75
C SER B 268 -19.42 -13.01 6.49
N ALA B 269 -18.60 -12.92 7.53
CA ALA B 269 -17.24 -12.45 7.41
C ALA B 269 -16.28 -13.42 8.03
N GLN B 270 -16.72 -14.69 8.07
CA GLN B 270 -15.97 -15.69 8.79
C GLN B 270 -14.64 -16.15 8.20
N TYR B 271 -14.37 -15.81 6.95
CA TYR B 271 -13.04 -15.98 6.38
C TYR B 271 -12.20 -14.68 6.33
N ILE B 272 -12.77 -13.55 6.78
CA ILE B 272 -12.11 -12.27 6.71
C ILE B 272 -11.32 -11.99 7.97
N THR B 273 -10.00 -11.93 7.79
CA THR B 273 -9.12 -11.48 8.86
C THR B 273 -7.93 -10.69 8.32
N GLY B 274 -7.46 -9.78 9.12
CA GLY B 274 -6.45 -8.81 8.70
C GLY B 274 -6.90 -7.84 7.61
N SER B 275 -8.21 -7.63 7.45
CA SER B 275 -8.71 -6.69 6.43
C SER B 275 -9.16 -5.40 7.04
N ILE B 276 -8.86 -4.28 6.40
CA ILE B 276 -9.32 -2.98 6.90
C ILE B 276 -10.24 -2.40 5.84
N ILE B 277 -11.52 -2.25 6.17
CA ILE B 277 -12.48 -1.74 5.24
C ILE B 277 -12.62 -0.20 5.35
N LYS B 278 -12.25 0.53 4.30
CA LYS B 278 -12.54 2.00 4.28
C LYS B 278 -14.00 2.21 4.13
N VAL B 279 -14.53 3.14 4.91
CA VAL B 279 -15.89 3.63 4.78
C VAL B 279 -15.77 5.13 4.66
N ASP B 280 -15.41 5.59 3.46
CA ASP B 280 -14.94 6.94 3.28
C ASP B 280 -15.52 7.70 2.09
N GLY B 281 -16.51 7.13 1.42
CA GLY B 281 -17.19 7.90 0.34
C GLY B 281 -16.25 8.25 -0.81
N GLY B 282 -15.12 7.54 -0.90
CA GLY B 282 -14.11 7.84 -1.92
C GLY B 282 -13.12 8.95 -1.55
N LEU B 283 -13.17 9.50 -0.33
CA LEU B 283 -12.31 10.64 0.03
C LEU B 283 -10.80 10.38 -0.17
N SER B 284 -10.32 9.21 0.24
CA SER B 284 -8.91 8.88 0.16
C SER B 284 -8.40 8.74 -1.29
N LEU B 285 -9.28 8.71 -2.27
CA LEU B 285 -8.90 8.64 -3.71
C LEU B 285 -8.75 9.99 -4.39
N VAL B 286 -9.02 11.04 -3.64
CA VAL B 286 -9.02 12.40 -4.15
C VAL B 286 -7.65 13.07 -3.97
N HIS B 287 -7.03 13.46 -5.06
CA HIS B 287 -5.75 14.10 -5.03
C HIS B 287 -5.90 15.52 -4.49
N ALA B 288 -4.77 16.12 -4.12
CA ALA B 288 -4.75 17.52 -3.62
C ALA B 288 -5.21 18.49 -4.69
N GLU C 22 34.86 -2.72 -20.72
CA GLU C 22 34.04 -2.10 -21.82
C GLU C 22 32.72 -1.52 -21.27
N ALA C 23 32.13 -0.60 -22.02
CA ALA C 23 31.05 0.20 -21.48
C ALA C 23 29.67 -0.51 -21.56
N PRO C 24 28.89 -0.45 -20.47
CA PRO C 24 27.54 -1.01 -20.61
C PRO C 24 26.65 -0.20 -21.56
N ALA C 25 25.51 -0.80 -21.93
CA ALA C 25 24.58 -0.18 -22.85
C ALA C 25 23.16 -0.18 -22.31
N ALA C 26 22.41 0.86 -22.66
CA ALA C 26 21.07 1.06 -22.11
C ALA C 26 20.10 1.42 -23.24
N VAL C 27 18.88 0.89 -23.14
CA VAL C 27 17.80 1.26 -24.02
C VAL C 27 16.86 2.15 -23.21
N VAL C 28 16.54 3.31 -23.73
CA VAL C 28 15.57 4.22 -23.12
C VAL C 28 14.47 4.43 -24.14
N THR C 29 13.25 4.07 -23.77
CA THR C 29 12.11 4.32 -24.66
C THR C 29 11.58 5.76 -24.55
N GLY C 30 11.05 6.29 -25.63
CA GLY C 30 10.58 7.66 -25.68
C GLY C 30 11.65 8.62 -25.20
N ALA C 31 12.86 8.48 -25.73
CA ALA C 31 14.01 9.21 -25.21
C ALA C 31 14.32 10.57 -25.92
N ALA C 32 13.46 11.02 -26.82
CA ALA C 32 13.84 12.16 -27.64
C ALA C 32 13.66 13.46 -26.90
N LYS C 33 12.76 13.45 -25.92
CA LYS C 33 12.39 14.70 -25.26
C LYS C 33 12.19 14.50 -23.76
N ARG C 34 12.14 15.64 -23.07
CA ARG C 34 11.55 15.71 -21.74
C ARG C 34 12.25 14.69 -20.81
N ILE C 35 11.50 13.82 -20.10
CA ILE C 35 12.12 13.01 -19.04
C ILE C 35 13.02 11.91 -19.63
N GLY C 36 12.59 11.28 -20.72
CA GLY C 36 13.38 10.22 -21.34
C GLY C 36 14.69 10.79 -21.90
N ARG C 37 14.65 12.00 -22.41
CA ARG C 37 15.89 12.60 -22.85
C ARG C 37 16.88 12.80 -21.72
N ALA C 38 16.39 13.31 -20.58
CA ALA C 38 17.22 13.54 -19.43
C ALA C 38 17.80 12.26 -18.89
N ILE C 39 17.01 11.17 -18.91
CA ILE C 39 17.52 9.86 -18.51
C ILE C 39 18.61 9.39 -19.47
N ALA C 40 18.36 9.50 -20.76
CA ALA C 40 19.39 9.14 -21.72
C ALA C 40 20.67 9.93 -21.50
N VAL C 41 20.56 11.26 -21.40
CA VAL C 41 21.74 12.06 -21.18
C VAL C 41 22.53 11.66 -19.92
N LYS C 42 21.84 11.44 -18.79
CA LYS C 42 22.54 11.08 -17.56
C LYS C 42 23.18 9.72 -17.64
N LEU C 43 22.51 8.77 -18.28
CA LEU C 43 23.12 7.45 -18.44
C LEU C 43 24.43 7.59 -19.27
N HIS C 44 24.33 8.34 -20.35
CA HIS C 44 25.49 8.58 -21.23
C HIS C 44 26.64 9.24 -20.43
N GLN C 45 26.29 10.25 -19.64
CA GLN C 45 27.27 10.95 -18.80
C GLN C 45 27.91 10.03 -17.77
N THR C 46 27.19 9.02 -17.29
CA THR C 46 27.69 8.01 -16.38
C THR C 46 28.57 6.96 -17.09
N GLY C 47 28.61 6.95 -18.43
CA GLY C 47 29.46 6.04 -19.19
C GLY C 47 28.73 5.01 -20.00
N TYR C 48 27.39 4.98 -19.94
CA TYR C 48 26.61 4.14 -20.83
C TYR C 48 26.66 4.58 -22.30
N ARG C 49 26.64 3.57 -23.18
CA ARG C 49 26.17 3.71 -24.56
C ARG C 49 24.66 3.56 -24.59
N VAL C 50 23.99 4.35 -25.44
N VAL C 50 23.99 4.35 -25.42
CA VAL C 50 22.53 4.40 -25.40
CA VAL C 50 22.52 4.39 -25.36
C VAL C 50 21.84 4.17 -26.72
C VAL C 50 21.82 4.20 -26.69
N VAL C 51 20.70 3.48 -26.63
CA VAL C 51 19.73 3.44 -27.70
C VAL C 51 18.61 4.39 -27.29
N ILE C 52 18.40 5.39 -28.14
CA ILE C 52 17.38 6.41 -28.03
C ILE C 52 16.19 6.00 -28.87
N HIS C 53 15.13 5.51 -28.23
CA HIS C 53 13.95 5.09 -28.96
C HIS C 53 13.04 6.27 -29.09
N TYR C 54 12.31 6.29 -30.21
CA TYR C 54 11.38 7.32 -30.55
C TYR C 54 10.28 6.74 -31.44
N HIS C 55 9.17 7.46 -31.49
CA HIS C 55 8.05 7.08 -32.33
C HIS C 55 7.87 8.17 -33.37
N ASN C 56 7.34 9.34 -33.01
CA ASN C 56 7.23 10.46 -33.93
C ASN C 56 8.38 11.50 -33.92
N SER C 57 9.29 11.44 -32.95
CA SER C 57 10.25 12.55 -32.75
C SER C 57 11.62 12.22 -33.30
N ALA C 58 11.69 11.96 -34.61
CA ALA C 58 12.96 11.58 -35.25
C ALA C 58 14.00 12.70 -35.20
N GLU C 59 13.57 13.89 -35.50
CA GLU C 59 14.50 15.02 -35.54
C GLU C 59 15.16 15.23 -34.16
N ALA C 60 14.36 15.23 -33.12
CA ALA C 60 14.85 15.36 -31.76
C ALA C 60 15.73 14.18 -31.31
N ALA C 61 15.37 12.95 -31.69
CA ALA C 61 16.16 11.75 -31.31
C ALA C 61 17.54 11.84 -31.94
N VAL C 62 17.56 12.25 -33.20
CA VAL C 62 18.86 12.36 -33.92
C VAL C 62 19.73 13.50 -33.38
N SER C 63 19.11 14.65 -33.12
CA SER C 63 19.84 15.75 -32.51
CA SER C 63 19.78 15.78 -32.47
C SER C 63 20.41 15.34 -31.15
N LEU C 64 19.69 14.53 -30.36
CA LEU C 64 20.25 14.06 -29.11
C LEU C 64 21.43 13.13 -29.40
N ALA C 65 21.24 12.21 -30.32
CA ALA C 65 22.31 11.28 -30.66
C ALA C 65 23.55 12.06 -31.14
N ASP C 66 23.33 13.13 -31.93
CA ASP C 66 24.42 13.89 -32.50
C ASP C 66 25.24 14.48 -31.36
N GLU C 67 24.55 15.05 -30.36
CA GLU C 67 25.17 15.64 -29.17
C GLU C 67 25.96 14.66 -28.35
N LEU C 68 25.41 13.47 -28.12
CA LEU C 68 26.08 12.44 -27.35
C LEU C 68 27.28 11.86 -28.07
N ASN C 69 27.12 11.58 -29.36
CA ASN C 69 28.20 11.10 -30.19
C ASN C 69 29.33 12.13 -30.35
N LYS C 70 29.02 13.43 -30.30
CA LYS C 70 30.08 14.49 -30.23
C LYS C 70 30.89 14.40 -28.98
N GLU C 71 30.28 14.06 -27.83
CA GLU C 71 31.08 13.82 -26.63
C GLU C 71 31.95 12.58 -26.76
N ARG C 72 31.35 11.48 -27.19
CA ARG C 72 32.03 10.19 -27.29
C ARG C 72 31.54 9.48 -28.54
N SER C 73 32.46 9.24 -29.49
CA SER C 73 32.06 8.72 -30.80
C SER C 73 31.39 7.34 -30.72
N ASN C 74 30.35 7.13 -31.53
CA ASN C 74 29.72 5.83 -31.66
C ASN C 74 29.20 5.28 -30.31
N THR C 75 28.61 6.16 -29.52
CA THR C 75 28.03 5.69 -28.25
C THR C 75 26.52 5.84 -28.11
N ALA C 76 25.87 6.31 -29.17
CA ALA C 76 24.46 6.60 -29.23
C ALA C 76 23.89 6.29 -30.63
N VAL C 77 22.81 5.54 -30.63
CA VAL C 77 22.06 5.26 -31.84
C VAL C 77 20.57 5.51 -31.54
N VAL C 78 19.78 5.71 -32.60
CA VAL C 78 18.34 5.85 -32.53
C VAL C 78 17.61 4.59 -33.04
N CYS C 79 16.38 4.41 -32.57
CA CYS C 79 15.59 3.27 -32.92
C CYS C 79 14.15 3.69 -32.92
N GLN C 80 13.49 3.56 -34.08
CA GLN C 80 12.07 3.91 -34.24
C GLN C 80 11.16 2.74 -33.96
N ALA C 81 10.06 3.00 -33.24
CA ALA C 81 8.97 2.02 -33.13
C ALA C 81 7.70 2.61 -32.56
N ASP C 82 6.55 2.20 -33.08
CA ASP C 82 5.30 2.45 -32.39
C ASP C 82 5.17 1.42 -31.27
N LEU C 83 4.81 1.87 -30.06
CA LEU C 83 4.62 0.93 -28.92
C LEU C 83 3.12 0.73 -28.55
N THR C 84 2.24 1.18 -29.44
CA THR C 84 0.83 0.83 -29.38
C THR C 84 0.67 -0.67 -29.44
N ASN C 85 -0.24 -1.24 -28.65
CA ASN C 85 -0.44 -2.69 -28.75
C ASN C 85 -1.04 -3.04 -30.15
N SER C 86 -0.54 -4.11 -30.76
CA SER C 86 -0.99 -4.61 -32.05
C SER C 86 -0.38 -5.98 -32.25
N ASN C 87 -0.75 -6.62 -33.36
CA ASN C 87 -0.20 -7.92 -33.75
C ASN C 87 1.31 -7.94 -33.91
N VAL C 88 1.87 -6.79 -34.26
CA VAL C 88 3.31 -6.64 -34.51
C VAL C 88 4.10 -6.09 -33.31
N LEU C 89 3.43 -5.71 -32.21
CA LEU C 89 4.18 -5.12 -31.08
C LEU C 89 5.26 -6.08 -30.55
N PRO C 90 4.97 -7.37 -30.45
CA PRO C 90 6.05 -8.20 -29.94
C PRO C 90 7.34 -8.15 -30.78
N ALA C 91 7.17 -8.25 -32.10
CA ALA C 91 8.31 -8.19 -33.01
C ALA C 91 9.00 -6.81 -32.92
N SER C 92 8.24 -5.73 -32.80
CA SER C 92 8.87 -4.42 -32.68
C SER C 92 9.69 -4.30 -31.41
N CYS C 93 9.24 -4.92 -30.33
CA CYS C 93 9.92 -4.87 -29.05
C CYS C 93 11.20 -5.71 -29.10
N GLU C 94 11.09 -6.85 -29.76
CA GLU C 94 12.26 -7.71 -29.89
C GLU C 94 13.36 -6.96 -30.65
N GLU C 95 12.93 -6.13 -31.59
CA GLU C 95 13.84 -5.42 -32.46
C GLU C 95 14.46 -4.25 -31.74
N ILE C 96 13.71 -3.59 -30.85
CA ILE C 96 14.34 -2.60 -29.96
C ILE C 96 15.52 -3.18 -29.16
N ILE C 97 15.28 -4.34 -28.55
CA ILE C 97 16.35 -5.00 -27.80
C ILE C 97 17.49 -5.43 -28.76
N ASN C 98 17.09 -5.99 -29.90
CA ASN C 98 18.09 -6.40 -30.92
C ASN C 98 18.97 -5.23 -31.35
N SER C 99 18.37 -4.04 -31.49
CA SER C 99 19.10 -2.85 -31.95
CA SER C 99 19.11 -2.88 -31.97
C SER C 99 20.22 -2.51 -30.99
N CYS C 100 19.97 -2.73 -29.69
CA CYS C 100 21.01 -2.50 -28.71
C CYS C 100 22.16 -3.52 -28.85
N PHE C 101 21.83 -4.80 -28.98
CA PHE C 101 22.88 -5.84 -29.23
C PHE C 101 23.65 -5.60 -30.53
N ARG C 102 22.95 -5.14 -31.56
CA ARG C 102 23.60 -4.79 -32.83
CA ARG C 102 23.60 -4.79 -32.83
C ARG C 102 24.61 -3.64 -32.68
N ALA C 103 24.17 -2.55 -32.07
CA ALA C 103 25.03 -1.40 -31.97
C ALA C 103 26.18 -1.66 -31.02
N PHE C 104 25.95 -2.34 -29.89
CA PHE C 104 26.89 -2.27 -28.77
C PHE C 104 27.33 -3.63 -28.26
N GLY C 105 26.69 -4.68 -28.76
CA GLY C 105 27.05 -6.09 -28.38
C GLY C 105 26.63 -6.58 -27.00
N ARG C 106 25.80 -5.77 -26.32
CA ARG C 106 25.28 -6.08 -25.02
C ARG C 106 24.07 -5.17 -24.74
N CYS C 107 23.28 -5.54 -23.73
CA CYS C 107 22.16 -4.69 -23.25
C CYS C 107 22.02 -4.92 -21.75
N ASP C 108 22.50 -3.94 -21.00
CA ASP C 108 22.62 -4.05 -19.54
C ASP C 108 21.38 -3.46 -18.85
N VAL C 109 20.80 -2.45 -19.47
CA VAL C 109 19.77 -1.60 -18.83
C VAL C 109 18.63 -1.31 -19.82
N LEU C 110 17.39 -1.49 -19.33
CA LEU C 110 16.18 -1.11 -20.06
C LEU C 110 15.43 -0.09 -19.21
N VAL C 111 15.12 1.07 -19.76
CA VAL C 111 14.27 2.05 -19.10
C VAL C 111 12.98 2.18 -19.90
N ASN C 112 11.87 1.77 -19.31
CA ASN C 112 10.57 1.87 -19.91
C ASN C 112 9.92 3.21 -19.55
N ASN C 113 10.09 4.15 -20.45
CA ASN C 113 9.69 5.53 -20.21
C ASN C 113 8.58 6.03 -21.14
N ALA C 114 8.54 5.54 -22.39
CA ALA C 114 7.57 5.99 -23.37
C ALA C 114 6.14 5.78 -22.84
N SER C 115 5.27 6.72 -23.10
CA SER C 115 3.95 6.68 -22.50
C SER C 115 2.96 7.59 -23.16
N ALA C 116 1.80 7.03 -23.49
CA ALA C 116 0.67 7.78 -23.92
C ALA C 116 -0.13 8.25 -22.70
N PHE C 117 -0.66 9.45 -22.79
CA PHE C 117 -1.26 10.06 -21.66
C PHE C 117 -2.34 11.04 -22.13
N TYR C 118 -3.58 10.68 -21.85
CA TYR C 118 -4.74 11.53 -22.17
C TYR C 118 -6.04 10.98 -21.53
N PRO C 119 -7.09 11.82 -21.40
CA PRO C 119 -8.27 11.33 -20.65
C PRO C 119 -9.11 10.36 -21.45
N THR C 120 -9.83 9.46 -20.77
CA THR C 120 -10.75 8.48 -21.38
C THR C 120 -11.98 8.38 -20.51
N PRO C 121 -12.89 9.38 -20.64
CA PRO C 121 -14.01 9.50 -19.72
C PRO C 121 -14.92 8.27 -19.77
N LEU C 122 -15.48 7.85 -18.64
CA LEU C 122 -16.31 6.63 -18.63
C LEU C 122 -17.71 6.85 -19.22
N VAL C 123 -18.17 8.09 -19.14
CA VAL C 123 -19.51 8.44 -19.59
C VAL C 123 -19.37 9.59 -20.57
N GLN C 124 -20.10 9.56 -21.70
CA GLN C 124 -20.11 10.65 -22.70
C GLN C 124 -21.50 11.25 -22.94
N LYS C 134 -10.54 9.07 -31.71
CA LYS C 134 -10.01 7.73 -31.44
C LYS C 134 -11.13 6.88 -30.89
N THR C 135 -11.28 5.68 -31.42
CA THR C 135 -12.21 4.75 -30.87
C THR C 135 -11.67 4.34 -29.46
N VAL C 136 -12.55 3.79 -28.66
CA VAL C 136 -12.14 3.36 -27.32
C VAL C 136 -11.08 2.27 -27.46
N GLU C 137 -11.18 1.43 -28.48
CA GLU C 137 -10.22 0.32 -28.58
C GLU C 137 -8.83 0.80 -29.03
N THR C 138 -8.79 1.91 -29.72
CA THR C 138 -7.51 2.52 -30.06
C THR C 138 -6.90 3.15 -28.79
N GLN C 139 -7.75 3.80 -27.98
CA GLN C 139 -7.27 4.31 -26.71
C GLN C 139 -6.73 3.20 -25.81
N VAL C 140 -7.41 2.08 -25.75
CA VAL C 140 -6.91 0.90 -25.02
C VAL C 140 -5.53 0.51 -25.58
N ALA C 141 -5.42 0.44 -26.90
CA ALA C 141 -4.19 -0.01 -27.51
C ALA C 141 -3.00 0.90 -27.22
N GLU C 142 -3.21 2.17 -27.30
CA GLU C 142 -2.17 3.15 -26.98
C GLU C 142 -1.87 3.25 -25.51
N LEU C 143 -2.91 3.45 -24.69
CA LEU C 143 -2.68 3.73 -23.29
C LEU C 143 -2.21 2.46 -22.57
N ILE C 144 -2.85 1.33 -22.82
CA ILE C 144 -2.40 0.11 -22.18
C ILE C 144 -1.15 -0.46 -22.88
N GLY C 145 -1.06 -0.35 -24.21
CA GLY C 145 0.12 -0.81 -24.90
C GLY C 145 1.40 -0.09 -24.47
N THR C 146 1.40 1.24 -24.49
CA THR C 146 2.60 1.99 -24.17
C THR C 146 3.00 1.85 -22.73
N ASN C 147 2.01 1.85 -21.83
CA ASN C 147 2.30 1.95 -20.39
C ASN C 147 2.51 0.60 -19.72
N ALA C 148 2.10 -0.47 -20.38
CA ALA C 148 2.13 -1.80 -19.77
C ALA C 148 2.48 -2.94 -20.71
N ILE C 149 1.83 -3.05 -21.87
CA ILE C 149 2.15 -4.20 -22.74
C ILE C 149 3.56 -4.11 -23.33
N ALA C 150 3.95 -2.95 -23.84
CA ALA C 150 5.27 -2.79 -24.42
C ALA C 150 6.32 -3.03 -23.34
N PRO C 151 6.11 -2.48 -22.13
CA PRO C 151 7.11 -2.79 -21.11
C PRO C 151 7.25 -4.28 -20.83
N PHE C 152 6.12 -5.01 -20.79
CA PHE C 152 6.14 -6.45 -20.57
C PHE C 152 6.94 -7.17 -21.71
N LEU C 153 6.66 -6.78 -22.95
CA LEU C 153 7.29 -7.39 -24.16
C LEU C 153 8.79 -7.12 -24.22
N LEU C 154 9.12 -5.86 -23.93
CA LEU C 154 10.53 -5.46 -23.87
C LEU C 154 11.26 -6.16 -22.74
N THR C 155 10.56 -6.38 -21.64
CA THR C 155 11.11 -7.10 -20.52
C THR C 155 11.35 -8.57 -20.90
N MET C 156 10.38 -9.21 -21.56
CA MET C 156 10.64 -10.56 -22.08
C MET C 156 11.84 -10.58 -23.02
N SER C 157 11.90 -9.65 -23.97
CA SER C 157 13.01 -9.71 -24.96
C SER C 157 14.36 -9.45 -24.31
N PHE C 158 14.40 -8.54 -23.34
CA PHE C 158 15.62 -8.17 -22.62
C PHE C 158 16.10 -9.38 -21.85
N ALA C 159 15.19 -10.06 -21.14
CA ALA C 159 15.56 -11.24 -20.34
C ALA C 159 15.97 -12.42 -21.21
N GLN C 160 15.25 -12.63 -22.29
CA GLN C 160 15.50 -13.74 -23.20
C GLN C 160 16.94 -13.71 -23.72
N ARG C 161 17.45 -12.51 -23.97
CA ARG C 161 18.85 -12.38 -24.42
C ARG C 161 19.90 -12.61 -23.33
N GLN C 162 19.55 -12.70 -22.07
CA GLN C 162 20.54 -12.77 -21.00
CA GLN C 162 20.58 -12.74 -21.04
C GLN C 162 20.86 -14.20 -20.54
N SER C 172 28.63 -7.99 -14.09
CA SER C 172 27.39 -7.58 -14.75
C SER C 172 26.43 -6.89 -13.77
N ASN C 173 25.82 -5.80 -14.19
CA ASN C 173 24.79 -5.19 -13.36
C ASN C 173 23.54 -4.91 -14.23
N LEU C 174 22.72 -5.92 -14.42
CA LEU C 174 21.56 -5.88 -15.29
C LEU C 174 20.35 -5.41 -14.51
N SER C 175 19.60 -4.50 -15.09
CA SER C 175 18.39 -4.02 -14.45
C SER C 175 17.48 -3.31 -15.42
N ILE C 176 16.22 -3.23 -15.01
CA ILE C 176 15.15 -2.55 -15.70
C ILE C 176 14.58 -1.52 -14.74
N VAL C 177 14.30 -0.33 -15.28
CA VAL C 177 13.59 0.71 -14.54
C VAL C 177 12.34 1.15 -15.30
N ASN C 178 11.19 1.02 -14.67
CA ASN C 178 9.92 1.39 -15.22
C ASN C 178 9.45 2.72 -14.67
N LEU C 179 9.04 3.59 -15.57
CA LEU C 179 8.54 4.89 -15.20
C LEU C 179 7.05 4.76 -14.84
N CYS C 180 6.78 4.83 -13.54
CA CYS C 180 5.49 4.63 -12.94
C CYS C 180 4.82 5.98 -12.69
N ASP C 181 3.96 6.07 -11.67
CA ASP C 181 3.24 7.31 -11.38
C ASP C 181 2.88 7.35 -9.89
N ALA C 182 3.40 8.35 -9.18
CA ALA C 182 3.21 8.44 -7.75
C ALA C 182 1.74 8.61 -7.34
N MET C 183 0.91 9.10 -8.26
CA MET C 183 -0.50 9.44 -8.00
C MET C 183 -1.46 8.33 -8.43
N VAL C 184 -0.98 7.09 -8.66
CA VAL C 184 -1.89 6.04 -9.12
C VAL C 184 -3.03 5.69 -8.19
N ASP C 185 -2.90 5.96 -6.90
CA ASP C 185 -4.01 5.73 -5.95
C ASP C 185 -4.87 6.95 -5.68
N GLN C 186 -4.50 8.09 -6.26
CA GLN C 186 -5.29 9.28 -6.17
C GLN C 186 -5.36 9.88 -7.58
N PRO C 187 -5.96 9.16 -8.50
CA PRO C 187 -5.78 9.47 -9.88
C PRO C 187 -6.49 10.76 -10.34
N CSX C 188 -6.01 11.32 -11.45
CA CSX C 188 -6.73 12.37 -12.19
CB CSX C 188 -5.96 12.77 -13.44
SG CSX C 188 -4.54 13.51 -12.86
C CSX C 188 -8.08 11.89 -12.62
O CSX C 188 -8.22 10.79 -13.09
OD CSX C 188 -4.98 14.85 -12.37
N MET C 189 -9.07 12.73 -12.46
CA MET C 189 -10.43 12.44 -12.91
C MET C 189 -10.47 12.16 -14.42
N ALA C 190 -11.22 11.13 -14.81
CA ALA C 190 -11.40 10.73 -16.20
C ALA C 190 -10.17 10.12 -16.92
N PHE C 191 -9.20 9.62 -16.15
CA PHE C 191 -8.01 8.98 -16.72
C PHE C 191 -7.95 7.48 -16.40
N SER C 192 -9.10 6.79 -16.45
CA SER C 192 -9.15 5.40 -16.04
CA SER C 192 -9.19 5.38 -16.10
C SER C 192 -8.16 4.53 -16.82
N LEU C 193 -8.12 4.61 -18.15
CA LEU C 193 -7.23 3.71 -18.90
C LEU C 193 -5.76 3.97 -18.62
N TYR C 194 -5.39 5.25 -18.57
CA TYR C 194 -4.00 5.65 -18.23
C TYR C 194 -3.69 5.05 -16.89
N ASN C 195 -4.60 5.25 -15.93
N ASN C 195 -4.61 5.21 -15.94
CA ASN C 195 -4.39 4.72 -14.57
CA ASN C 195 -4.35 4.71 -14.60
C ASN C 195 -4.29 3.21 -14.51
C ASN C 195 -4.28 3.20 -14.51
N MET C 196 -5.13 2.54 -15.29
CA MET C 196 -5.09 1.06 -15.40
C MET C 196 -3.71 0.62 -15.91
N GLY C 197 -3.20 1.33 -16.92
CA GLY C 197 -1.91 1.02 -17.48
C GLY C 197 -0.78 1.18 -16.51
N LYS C 198 -0.80 2.25 -15.74
CA LYS C 198 0.25 2.49 -14.72
C LYS C 198 0.15 1.54 -13.56
N HIS C 199 -1.06 1.18 -13.21
CA HIS C 199 -1.23 0.11 -12.23
C HIS C 199 -0.70 -1.21 -12.73
N ALA C 200 -1.02 -1.56 -13.98
CA ALA C 200 -0.46 -2.83 -14.55
C ALA C 200 1.07 -2.80 -14.57
N LEU C 201 1.66 -1.61 -14.76
CA LEU C 201 3.13 -1.48 -14.74
C LEU C 201 3.76 -1.71 -13.38
N VAL C 202 3.05 -1.28 -12.33
CA VAL C 202 3.41 -1.67 -10.97
C VAL C 202 3.43 -3.20 -10.88
N GLY C 203 2.34 -3.84 -11.28
CA GLY C 203 2.31 -5.33 -11.30
C GLY C 203 3.45 -6.01 -12.08
N LEU C 204 3.77 -5.49 -13.26
CA LEU C 204 4.91 -5.99 -14.03
C LEU C 204 6.21 -5.82 -13.26
N THR C 205 6.39 -4.65 -12.63
CA THR C 205 7.62 -4.34 -11.90
C THR C 205 7.88 -5.45 -10.84
N GLN C 206 6.81 -5.77 -10.11
CA GLN C 206 6.82 -6.71 -9.01
C GLN C 206 6.95 -8.16 -9.54
N SER C 207 6.13 -8.53 -10.52
CA SER C 207 6.21 -9.91 -11.09
C SER C 207 7.53 -10.20 -11.75
N ALA C 208 7.98 -9.24 -12.54
CA ALA C 208 9.29 -9.37 -13.16
C ALA C 208 10.46 -9.33 -12.15
N ALA C 209 10.39 -8.50 -11.10
CA ALA C 209 11.44 -8.53 -10.09
C ALA C 209 11.59 -9.96 -9.49
N LEU C 210 10.45 -10.54 -9.14
CA LEU C 210 10.43 -11.91 -8.61
C LEU C 210 11.04 -12.96 -9.56
N GLU C 211 10.59 -12.93 -10.81
CA GLU C 211 10.85 -13.93 -11.79
C GLU C 211 12.22 -13.84 -12.38
N LEU C 212 12.77 -12.64 -12.47
CA LEU C 212 14.07 -12.44 -13.08
C LEU C 212 15.17 -12.33 -12.08
N ALA C 213 14.83 -12.37 -10.80
CA ALA C 213 15.90 -12.34 -9.79
C ALA C 213 16.93 -13.49 -9.93
N PRO C 214 16.48 -14.69 -10.33
CA PRO C 214 17.44 -15.80 -10.52
C PRO C 214 18.50 -15.52 -11.59
N TYR C 215 18.17 -14.68 -12.57
CA TYR C 215 19.09 -14.27 -13.59
C TYR C 215 19.93 -13.09 -13.20
N GLY C 216 19.78 -12.60 -11.98
CA GLY C 216 20.49 -11.42 -11.52
C GLY C 216 20.00 -10.13 -12.16
N ILE C 217 18.83 -10.17 -12.78
CA ILE C 217 18.21 -8.95 -13.33
C ILE C 217 17.26 -8.33 -12.31
N ARG C 218 17.57 -7.08 -11.91
CA ARG C 218 16.77 -6.30 -10.97
C ARG C 218 15.74 -5.54 -11.77
N VAL C 219 14.57 -5.32 -11.17
CA VAL C 219 13.49 -4.65 -11.84
C VAL C 219 12.84 -3.66 -10.90
N ASN C 220 12.97 -2.37 -11.18
CA ASN C 220 12.51 -1.35 -10.26
C ASN C 220 11.73 -0.28 -10.95
N GLY C 221 11.17 0.63 -10.15
CA GLY C 221 10.44 1.78 -10.69
C GLY C 221 10.79 3.13 -10.14
N VAL C 222 10.50 4.17 -10.93
CA VAL C 222 10.60 5.58 -10.49
C VAL C 222 9.25 6.20 -10.77
N ALA C 223 8.64 6.79 -9.76
CA ALA C 223 7.30 7.33 -9.83
C ALA C 223 7.30 8.84 -9.61
N PRO C 224 7.31 9.64 -10.70
CA PRO C 224 7.15 11.09 -10.60
C PRO C 224 5.74 11.43 -10.13
N GLY C 225 5.61 12.61 -9.54
CA GLY C 225 4.30 13.17 -9.21
C GLY C 225 3.93 14.12 -10.33
N VAL C 226 4.25 15.39 -10.15
CA VAL C 226 4.23 16.34 -11.25
C VAL C 226 5.72 16.67 -11.49
N SER C 227 6.16 16.30 -12.66
CA SER C 227 7.42 16.75 -13.19
C SER C 227 7.02 17.65 -14.38
N LEU C 228 7.70 17.53 -15.51
CA LEU C 228 7.38 18.37 -16.66
C LEU C 228 5.95 18.23 -17.08
N LEU C 229 5.22 19.33 -16.99
CA LEU C 229 3.81 19.30 -17.27
C LEU C 229 3.63 19.20 -18.78
N PRO C 230 2.50 18.64 -19.23
CA PRO C 230 2.27 18.52 -20.66
C PRO C 230 2.38 19.86 -21.39
N VAL C 231 2.95 19.84 -22.59
CA VAL C 231 3.17 21.06 -23.35
C VAL C 231 1.84 21.73 -23.70
N ALA C 232 0.80 20.92 -23.88
CA ALA C 232 -0.53 21.40 -24.20
C ALA C 232 -1.17 22.16 -23.03
N MET C 233 -0.84 21.78 -21.79
CA MET C 233 -1.44 22.35 -20.59
C MET C 233 -1.24 23.86 -20.49
N GLY C 234 -2.35 24.53 -20.17
CA GLY C 234 -2.35 25.99 -19.99
C GLY C 234 -1.49 26.37 -18.79
N GLU C 235 -0.85 27.53 -18.87
CA GLU C 235 0.05 28.01 -17.81
C GLU C 235 -0.59 28.15 -16.43
N GLU C 236 -1.78 28.75 -16.38
CA GLU C 236 -2.52 28.89 -15.10
C GLU C 236 -2.78 27.50 -14.46
N GLU C 237 -3.03 26.51 -15.32
CA GLU C 237 -3.30 25.17 -14.84
C GLU C 237 -2.04 24.49 -14.32
N LYS C 238 -0.93 24.75 -14.99
CA LYS C 238 0.39 24.28 -14.55
C LYS C 238 0.70 24.82 -13.14
N ASP C 239 0.49 26.12 -12.91
CA ASP C 239 0.66 26.73 -11.58
C ASP C 239 -0.22 26.18 -10.47
N LYS C 240 -1.44 25.78 -10.82
CA LYS C 240 -2.30 25.12 -9.86
C LYS C 240 -1.66 23.81 -9.34
N TRP C 241 -0.99 23.05 -10.22
CA TRP C 241 -0.34 21.78 -9.83
C TRP C 241 0.91 22.06 -8.98
N ARG C 242 1.71 23.01 -9.44
CA ARG C 242 2.92 23.42 -8.73
C ARG C 242 2.62 23.86 -7.31
N ARG C 243 1.52 24.60 -7.13
CA ARG C 243 1.16 25.09 -5.79
C ARG C 243 0.90 23.96 -4.78
N LYS C 244 0.56 22.79 -5.27
CA LYS C 244 0.15 21.65 -4.40
C LYS C 244 1.33 20.87 -3.78
N VAL C 245 2.51 21.04 -4.37
CA VAL C 245 3.69 20.29 -3.99
C VAL C 245 4.29 20.84 -2.71
N PRO C 246 4.34 20.02 -1.65
CA PRO C 246 4.90 20.49 -0.36
C PRO C 246 6.34 21.00 -0.45
N LEU C 247 7.19 20.26 -1.16
CA LEU C 247 8.58 20.58 -1.22
C LEU C 247 8.88 21.57 -2.34
N GLY C 248 8.72 22.86 -2.05
CA GLY C 248 9.17 23.93 -2.96
C GLY C 248 8.12 24.46 -3.90
N ARG C 249 6.91 23.91 -3.84
CA ARG C 249 5.80 24.40 -4.67
C ARG C 249 6.17 24.47 -6.15
N ARG C 250 6.80 23.41 -6.64
CA ARG C 250 7.28 23.38 -8.02
C ARG C 250 7.31 21.93 -8.48
N GLU C 251 7.31 21.76 -9.80
CA GLU C 251 7.52 20.46 -10.42
C GLU C 251 8.97 19.93 -10.33
N ALA C 252 9.12 18.59 -10.40
CA ALA C 252 10.45 17.99 -10.50
C ALA C 252 10.96 18.34 -11.85
N SER C 253 12.21 18.72 -11.91
CA SER C 253 12.87 18.73 -13.19
C SER C 253 13.02 17.30 -13.73
N ALA C 254 13.20 17.21 -15.05
CA ALA C 254 13.47 15.94 -15.65
C ALA C 254 14.74 15.34 -15.09
N GLU C 255 15.73 16.17 -14.76
CA GLU C 255 16.97 15.66 -14.21
C GLU C 255 16.82 14.99 -12.83
N GLN C 256 15.91 15.52 -12.01
CA GLN C 256 15.65 14.93 -10.67
C GLN C 256 15.03 13.56 -10.82
N ILE C 257 14.12 13.40 -11.80
CA ILE C 257 13.65 12.06 -12.12
C ILE C 257 14.81 11.15 -12.59
N ALA C 258 15.65 11.70 -13.45
CA ALA C 258 16.76 10.94 -14.01
C ALA C 258 17.73 10.49 -12.93
N ASP C 259 17.89 11.32 -11.93
CA ASP C 259 18.79 11.01 -10.77
C ASP C 259 18.36 9.71 -10.08
N ALA C 260 17.07 9.48 -9.91
CA ALA C 260 16.62 8.24 -9.26
C ALA C 260 16.81 7.02 -10.11
N VAL C 261 16.64 7.19 -11.43
CA VAL C 261 16.97 6.15 -12.39
C VAL C 261 18.43 5.76 -12.29
N ILE C 262 19.31 6.75 -12.35
CA ILE C 262 20.74 6.50 -12.20
C ILE C 262 21.08 5.71 -10.95
N PHE C 263 20.45 6.06 -9.83
CA PHE C 263 20.74 5.36 -8.58
C PHE C 263 20.34 3.87 -8.71
N LEU C 264 19.14 3.64 -9.23
CA LEU C 264 18.60 2.30 -9.30
C LEU C 264 19.45 1.41 -10.22
N VAL C 265 19.95 1.96 -11.33
CA VAL C 265 20.84 1.17 -12.22
C VAL C 265 22.28 1.01 -11.69
N SER C 266 22.67 1.77 -10.66
CA SER C 266 24.02 1.81 -10.17
C SER C 266 24.37 0.64 -9.28
N GLY C 267 25.66 0.54 -8.96
CA GLY C 267 26.16 -0.48 -8.05
C GLY C 267 25.70 -0.18 -6.64
N SER C 268 25.28 1.06 -6.38
CA SER C 268 24.70 1.40 -5.08
C SER C 268 23.34 0.81 -4.80
N ALA C 269 22.70 0.20 -5.80
CA ALA C 269 21.33 -0.36 -5.65
C ALA C 269 21.31 -1.87 -6.00
N GLN C 270 22.46 -2.53 -5.83
CA GLN C 270 22.55 -3.94 -6.20
C GLN C 270 21.75 -4.98 -5.41
N TYR C 271 21.23 -4.61 -4.23
CA TYR C 271 20.29 -5.45 -3.50
C TYR C 271 18.83 -5.01 -3.67
N ILE C 272 18.60 -3.92 -4.43
CA ILE C 272 17.29 -3.37 -4.61
C ILE C 272 16.58 -3.95 -5.84
N THR C 273 15.48 -4.67 -5.59
CA THR C 273 14.61 -5.09 -6.68
C THR C 273 13.16 -5.12 -6.20
N GLY C 274 12.23 -4.79 -7.08
CA GLY C 274 10.82 -4.75 -6.72
C GLY C 274 10.43 -3.42 -6.06
N SER C 275 11.33 -2.43 -6.10
CA SER C 275 11.12 -1.20 -5.35
C SER C 275 10.72 -0.09 -6.30
N ILE C 276 9.79 0.75 -5.87
CA ILE C 276 9.33 1.87 -6.67
C ILE C 276 9.58 3.10 -5.83
N ILE C 277 10.49 3.97 -6.32
CA ILE C 277 10.88 5.13 -5.60
C ILE C 277 10.02 6.27 -6.09
N LYS C 278 9.25 6.87 -5.18
CA LYS C 278 8.52 8.12 -5.50
C LYS C 278 9.48 9.27 -5.55
N VAL C 279 9.34 10.10 -6.57
CA VAL C 279 10.07 11.36 -6.65
C VAL C 279 9.06 12.47 -6.91
N ASP C 280 8.40 12.94 -5.85
CA ASP C 280 7.16 13.68 -5.98
C ASP C 280 7.05 14.88 -5.06
N GLY C 281 8.14 15.19 -4.36
CA GLY C 281 8.18 16.34 -3.46
C GLY C 281 7.07 16.32 -2.41
N GLY C 282 6.54 15.12 -2.08
CA GLY C 282 5.51 14.96 -1.06
C GLY C 282 4.09 15.14 -1.55
N LEU C 283 3.91 15.30 -2.85
CA LEU C 283 2.57 15.53 -3.45
C LEU C 283 1.58 14.44 -3.11
N SER C 284 2.01 13.18 -3.19
CA SER C 284 1.07 12.08 -2.90
C SER C 284 0.61 12.01 -1.43
N LEU C 285 1.28 12.73 -0.54
CA LEU C 285 0.91 12.80 0.90
C LEU C 285 -0.16 13.84 1.21
N VAL C 286 -0.53 14.65 0.23
CA VAL C 286 -1.38 15.82 0.51
C VAL C 286 -2.86 15.40 0.32
N HIS C 287 -3.66 15.47 1.38
CA HIS C 287 -5.07 15.14 1.25
C HIS C 287 -5.80 16.17 0.37
N ALA C 288 -7.01 15.79 -0.05
CA ALA C 288 -7.92 16.63 -0.84
C ALA C 288 -8.16 17.98 -0.18
N GLU D 22 32.82 24.33 4.96
CA GLU D 22 32.61 23.56 6.22
C GLU D 22 31.76 22.31 5.97
N ALA D 23 32.12 21.24 6.66
CA ALA D 23 31.55 19.94 6.40
C ALA D 23 30.18 19.82 7.09
N PRO D 24 29.22 19.21 6.42
CA PRO D 24 27.94 18.95 7.12
C PRO D 24 28.08 17.98 8.29
N ALA D 25 27.04 17.86 9.13
CA ALA D 25 27.10 16.94 10.28
C ALA D 25 25.80 16.12 10.36
N ALA D 26 25.98 14.87 10.76
CA ALA D 26 24.90 13.90 10.82
C ALA D 26 24.88 13.27 12.20
N VAL D 27 23.67 13.03 12.74
CA VAL D 27 23.50 12.16 13.86
C VAL D 27 23.00 10.80 13.38
N VAL D 28 23.64 9.72 13.84
CA VAL D 28 23.19 8.39 13.56
C VAL D 28 22.91 7.73 14.90
N THR D 29 21.65 7.30 15.12
CA THR D 29 21.35 6.63 16.39
C THR D 29 21.72 5.14 16.25
N GLY D 30 22.08 4.53 17.36
CA GLY D 30 22.47 3.10 17.39
C GLY D 30 23.57 2.83 16.40
N ALA D 31 24.61 3.69 16.42
CA ALA D 31 25.69 3.66 15.39
C ALA D 31 26.97 2.87 15.75
N ALA D 32 27.00 2.21 16.89
CA ALA D 32 28.24 1.53 17.32
C ALA D 32 28.47 0.26 16.54
N LYS D 33 27.37 -0.37 16.11
CA LYS D 33 27.42 -1.70 15.52
C LYS D 33 26.63 -1.81 14.25
N ARG D 34 26.94 -2.84 13.48
CA ARG D 34 26.06 -3.35 12.45
C ARG D 34 25.61 -2.27 11.42
N ILE D 35 24.32 -2.13 11.16
CA ILE D 35 23.88 -1.27 10.11
C ILE D 35 24.15 0.20 10.46
N GLY D 36 23.85 0.62 11.69
CA GLY D 36 24.11 2.00 12.09
C GLY D 36 25.58 2.37 11.86
N ARG D 37 26.46 1.43 12.18
CA ARG D 37 27.89 1.70 12.04
C ARG D 37 28.25 1.90 10.60
N ALA D 38 27.77 1.02 9.72
CA ALA D 38 28.05 1.14 8.32
C ALA D 38 27.51 2.46 7.76
N ILE D 39 26.35 2.90 8.24
CA ILE D 39 25.78 4.19 7.87
C ILE D 39 26.69 5.32 8.35
N ALA D 40 27.17 5.24 9.58
CA ALA D 40 28.03 6.31 10.08
C ALA D 40 29.30 6.35 9.25
N VAL D 41 29.89 5.19 8.98
CA VAL D 41 31.14 5.15 8.17
C VAL D 41 30.97 5.75 6.80
N LYS D 42 29.90 5.39 6.09
CA LYS D 42 29.67 5.97 4.78
C LYS D 42 29.38 7.44 4.74
N LEU D 43 28.54 7.94 5.65
CA LEU D 43 28.35 9.37 5.81
C LEU D 43 29.73 10.06 5.98
N HIS D 44 30.53 9.52 6.88
CA HIS D 44 31.88 10.07 7.15
C HIS D 44 32.78 10.07 5.90
N GLN D 45 32.80 8.95 5.20
CA GLN D 45 33.54 8.85 3.93
C GLN D 45 33.06 9.85 2.89
N THR D 46 31.79 10.22 2.94
CA THR D 46 31.17 11.15 2.05
C THR D 46 31.47 12.62 2.41
N GLY D 47 32.03 12.88 3.58
CA GLY D 47 32.36 14.24 3.97
C GLY D 47 31.69 14.75 5.23
N TYR D 48 30.75 13.97 5.80
CA TYR D 48 30.10 14.36 7.07
C TYR D 48 30.95 14.19 8.33
N ARG D 49 30.71 15.10 9.27
CA ARG D 49 31.09 14.92 10.65
C ARG D 49 29.92 14.14 11.29
N VAL D 50 30.22 13.19 12.18
N VAL D 50 30.21 13.20 12.20
CA VAL D 50 29.17 12.35 12.74
CA VAL D 50 29.17 12.32 12.71
C VAL D 50 29.09 12.30 14.26
C VAL D 50 29.09 12.26 14.24
N VAL D 51 27.86 12.29 14.76
CA VAL D 51 27.55 11.91 16.15
C VAL D 51 27.13 10.43 16.12
N ILE D 52 27.91 9.65 16.83
CA ILE D 52 27.74 8.23 16.96
C ILE D 52 26.93 7.99 18.24
N HIS D 53 25.59 7.93 18.12
CA HIS D 53 24.80 7.64 19.31
C HIS D 53 24.90 6.12 19.63
N TYR D 54 24.87 5.80 20.92
CA TYR D 54 24.92 4.44 21.40
C TYR D 54 24.17 4.36 22.75
N HIS D 55 23.87 3.14 23.15
CA HIS D 55 23.22 2.91 24.45
C HIS D 55 24.17 2.14 25.37
N ASN D 56 24.33 0.86 25.10
CA ASN D 56 25.16 -0.02 25.87
C ASN D 56 26.52 -0.25 25.19
N SER D 57 26.65 0.00 23.88
CA SER D 57 27.88 -0.40 23.19
C SER D 57 28.98 0.68 23.22
N ALA D 58 29.44 0.99 24.44
CA ALA D 58 30.36 2.11 24.66
C ALA D 58 31.72 1.87 24.04
N GLU D 59 32.25 0.68 24.22
CA GLU D 59 33.56 0.30 23.66
C GLU D 59 33.60 0.43 22.15
N ALA D 60 32.61 -0.16 21.48
CA ALA D 60 32.54 -0.15 20.03
C ALA D 60 32.22 1.26 19.48
N ALA D 61 31.38 2.02 20.16
CA ALA D 61 31.19 3.43 19.77
C ALA D 61 32.51 4.27 19.81
N VAL D 62 33.22 4.16 20.91
CA VAL D 62 34.46 4.96 21.14
C VAL D 62 35.51 4.54 20.11
N SER D 63 35.58 3.24 19.87
CA SER D 63 36.44 2.69 18.85
C SER D 63 36.11 3.21 17.44
N LEU D 64 34.84 3.16 17.04
CA LEU D 64 34.48 3.79 15.76
C LEU D 64 34.89 5.31 15.69
N ALA D 65 34.62 6.09 16.73
CA ALA D 65 34.95 7.51 16.66
C ALA D 65 36.48 7.67 16.49
N ASP D 66 37.23 6.83 17.20
CA ASP D 66 38.71 6.75 17.01
C ASP D 66 39.12 6.52 15.59
N GLU D 67 38.56 5.51 14.96
CA GLU D 67 38.83 5.21 13.57
C GLU D 67 38.55 6.41 12.70
N LEU D 68 37.36 6.99 12.87
CA LEU D 68 36.96 8.09 12.01
C LEU D 68 37.82 9.34 12.21
N ASN D 69 38.12 9.67 13.46
CA ASN D 69 38.92 10.85 13.76
C ASN D 69 40.39 10.68 13.32
N LYS D 70 40.88 9.44 13.34
CA LYS D 70 42.21 9.14 12.77
C LYS D 70 42.25 9.51 11.30
N GLU D 71 41.13 9.35 10.60
CA GLU D 71 41.04 9.66 9.18
C GLU D 71 40.90 11.19 8.92
N ARG D 72 40.01 11.85 9.64
CA ARG D 72 39.96 13.29 9.67
C ARG D 72 39.73 13.76 11.10
N SER D 73 40.70 14.48 11.64
CA SER D 73 40.63 14.94 13.02
C SER D 73 39.36 15.72 13.35
N ASN D 74 38.83 15.51 14.54
CA ASN D 74 37.68 16.31 15.03
C ASN D 74 36.41 16.17 14.17
N THR D 75 36.13 14.96 13.72
CA THR D 75 34.97 14.78 12.85
C THR D 75 33.95 13.79 13.40
N ALA D 76 34.22 13.18 14.56
CA ALA D 76 33.30 12.20 15.17
C ALA D 76 33.27 12.35 16.67
N VAL D 77 32.07 12.24 17.24
CA VAL D 77 31.94 12.22 18.70
C VAL D 77 30.91 11.16 19.01
N VAL D 78 31.01 10.57 20.20
CA VAL D 78 29.99 9.68 20.70
C VAL D 78 29.00 10.42 21.58
N CYS D 79 27.82 9.81 21.73
CA CYS D 79 26.77 10.37 22.56
C CYS D 79 25.91 9.20 23.06
N GLN D 80 25.91 8.99 24.38
CA GLN D 80 25.18 7.91 25.02
C GLN D 80 23.75 8.33 25.39
N ALA D 81 22.83 7.42 25.18
CA ALA D 81 21.45 7.64 25.59
C ALA D 81 20.59 6.42 25.44
N ASP D 82 19.76 6.22 26.46
CA ASP D 82 18.67 5.31 26.38
C ASP D 82 17.50 5.96 25.65
N LEU D 83 17.00 5.26 24.63
CA LEU D 83 15.85 5.70 23.82
C LEU D 83 14.50 4.97 24.14
N THR D 84 14.47 4.25 25.26
N THR D 84 14.45 4.25 25.27
N THR D 84 14.46 4.24 25.25
CA THR D 84 13.25 3.69 25.82
CA THR D 84 13.18 3.70 25.76
CA THR D 84 13.21 3.70 25.77
C THR D 84 12.28 4.85 26.14
C THR D 84 12.28 4.86 26.10
C THR D 84 12.28 4.86 26.10
N ASN D 85 10.98 4.65 25.95
CA ASN D 85 10.02 5.71 26.23
C ASN D 85 9.96 5.90 27.76
N SER D 86 9.88 7.15 28.17
CA SER D 86 9.75 7.59 29.56
C SER D 86 9.47 9.10 29.49
N ASN D 87 9.19 9.68 30.65
CA ASN D 87 8.98 11.11 30.75
C ASN D 87 10.24 11.94 30.54
N VAL D 88 11.42 11.31 30.51
CA VAL D 88 12.65 12.05 30.23
CA VAL D 88 12.67 12.01 30.27
C VAL D 88 13.16 11.82 28.82
N LEU D 89 12.49 10.94 28.07
CA LEU D 89 12.94 10.71 26.68
C LEU D 89 13.06 12.01 25.84
N PRO D 90 12.10 12.95 25.96
CA PRO D 90 12.19 14.23 25.18
C PRO D 90 13.47 15.01 25.49
N ALA D 91 13.82 15.06 26.76
CA ALA D 91 15.11 15.64 27.18
C ALA D 91 16.28 14.90 26.59
N SER D 92 16.27 13.58 26.65
CA SER D 92 17.38 12.82 26.09
C SER D 92 17.56 13.07 24.57
N CYS D 93 16.44 13.10 23.86
CA CYS D 93 16.43 13.33 22.39
C CYS D 93 16.91 14.76 22.07
N GLU D 94 16.44 15.77 22.82
CA GLU D 94 16.98 17.12 22.66
C GLU D 94 18.48 17.14 22.85
N GLU D 95 18.96 16.33 23.80
CA GLU D 95 20.36 16.35 24.14
C GLU D 95 21.21 15.71 23.09
N ILE D 96 20.67 14.69 22.43
CA ILE D 96 21.34 14.10 21.27
C ILE D 96 21.54 15.13 20.16
N ILE D 97 20.47 15.86 19.80
CA ILE D 97 20.58 16.91 18.78
C ILE D 97 21.54 18.02 19.28
N ASN D 98 21.38 18.42 20.55
CA ASN D 98 22.25 19.44 21.15
C ASN D 98 23.72 19.02 21.05
N SER D 99 24.00 17.72 21.15
CA SER D 99 25.35 17.23 21.14
C SER D 99 25.99 17.42 19.75
N CYS D 100 25.17 17.31 18.72
CA CYS D 100 25.65 17.59 17.38
C CYS D 100 26.00 19.07 17.23
N PHE D 101 25.12 19.95 17.67
CA PHE D 101 25.44 21.40 17.64
C PHE D 101 26.66 21.78 18.52
N ARG D 102 26.83 21.12 19.66
CA ARG D 102 27.96 21.37 20.55
C ARG D 102 29.28 20.97 19.88
N ALA D 103 29.35 19.76 19.32
CA ALA D 103 30.54 19.31 18.64
C ALA D 103 30.84 20.07 17.32
N PHE D 104 29.82 20.29 16.49
CA PHE D 104 30.00 20.67 15.09
C PHE D 104 29.35 21.98 14.62
N GLY D 105 28.56 22.63 15.47
CA GLY D 105 27.93 23.94 15.12
C GLY D 105 26.71 23.87 14.19
N ARG D 106 26.31 22.64 13.84
CA ARG D 106 25.21 22.43 12.89
C ARG D 106 24.74 20.98 12.99
N CYS D 107 23.57 20.70 12.42
CA CYS D 107 23.05 19.33 12.28
C CYS D 107 22.19 19.27 11.01
N ASP D 108 22.72 18.58 10.01
CA ASP D 108 22.14 18.55 8.65
C ASP D 108 21.29 17.33 8.38
N VAL D 109 21.70 16.21 8.98
CA VAL D 109 21.12 14.91 8.75
C VAL D 109 20.86 14.21 10.10
N LEU D 110 19.68 13.60 10.21
CA LEU D 110 19.35 12.69 11.32
C LEU D 110 19.00 11.34 10.72
N VAL D 111 19.69 10.30 11.21
CA VAL D 111 19.38 8.93 10.84
C VAL D 111 18.83 8.20 12.06
N ASN D 112 17.54 7.83 11.99
CA ASN D 112 16.88 7.08 13.06
C ASN D 112 17.01 5.59 12.85
N ASN D 113 18.05 5.01 13.44
CA ASN D 113 18.48 3.65 13.20
C ASN D 113 18.29 2.76 14.41
N ALA D 114 18.47 3.30 15.62
CA ALA D 114 18.44 2.49 16.84
C ALA D 114 17.12 1.80 16.98
N SER D 115 17.12 0.58 17.51
CA SER D 115 15.89 -0.18 17.53
C SER D 115 15.98 -1.36 18.45
N ALA D 116 14.98 -1.51 19.30
CA ALA D 116 14.78 -2.81 20.01
C ALA D 116 14.00 -3.74 19.14
N PHE D 117 14.30 -5.04 19.26
CA PHE D 117 13.70 -6.01 18.43
C PHE D 117 13.69 -7.37 19.15
N TYR D 118 12.50 -7.84 19.49
CA TYR D 118 12.33 -9.13 20.20
C TYR D 118 10.81 -9.43 20.23
N PRO D 119 10.43 -10.72 20.35
CA PRO D 119 9.02 -11.12 20.38
C PRO D 119 8.27 -10.65 21.63
N THR D 120 6.98 -10.35 21.45
CA THR D 120 6.02 -9.99 22.51
C THR D 120 4.75 -10.70 22.18
N PRO D 121 4.69 -12.03 22.46
CA PRO D 121 3.51 -12.85 22.16
C PRO D 121 2.25 -12.34 22.82
N LEU D 122 1.12 -12.43 22.11
CA LEU D 122 -0.15 -11.94 22.64
C LEU D 122 -0.73 -12.84 23.74
N VAL D 123 -0.40 -14.13 23.67
CA VAL D 123 -0.90 -15.16 24.63
C VAL D 123 0.26 -15.87 25.32
N GLY D 133 11.54 -11.93 31.07
CA GLY D 133 11.94 -11.13 32.23
C GLY D 133 11.19 -9.82 32.34
N LYS D 134 10.90 -9.17 31.22
CA LYS D 134 10.40 -7.80 31.25
C LYS D 134 8.91 -7.76 31.40
N THR D 135 8.43 -6.71 32.03
CA THR D 135 7.03 -6.47 32.11
C THR D 135 6.55 -5.99 30.74
N VAL D 136 5.25 -6.12 30.53
CA VAL D 136 4.68 -5.71 29.26
C VAL D 136 4.83 -4.17 29.14
N GLU D 137 4.75 -3.43 30.27
CA GLU D 137 4.99 -2.00 30.25
C GLU D 137 6.37 -1.65 29.70
N THR D 138 7.36 -2.42 30.12
CA THR D 138 8.76 -2.20 29.69
C THR D 138 8.95 -2.52 28.20
N GLN D 139 8.32 -3.61 27.75
CA GLN D 139 8.34 -4.03 26.37
C GLN D 139 7.69 -2.96 25.48
N VAL D 140 6.55 -2.45 25.93
CA VAL D 140 5.95 -1.31 25.23
C VAL D 140 6.95 -0.14 25.16
N ALA D 141 7.51 0.23 26.31
CA ALA D 141 8.41 1.38 26.40
C ALA D 141 9.61 1.25 25.44
N GLU D 142 10.19 0.07 25.41
CA GLU D 142 11.38 -0.19 24.67
C GLU D 142 11.11 -0.26 23.18
N LEU D 143 10.16 -1.12 22.80
CA LEU D 143 9.83 -1.34 21.39
C LEU D 143 9.21 -0.13 20.69
N ILE D 144 8.25 0.50 21.35
CA ILE D 144 7.59 1.67 20.77
C ILE D 144 8.43 2.93 20.92
N GLY D 145 9.09 3.07 22.07
CA GLY D 145 10.09 4.15 22.26
C GLY D 145 11.15 4.16 21.19
N THR D 146 11.91 3.06 21.06
CA THR D 146 13.08 3.10 20.19
C THR D 146 12.65 3.23 18.73
N ASN D 147 11.61 2.49 18.33
CA ASN D 147 11.23 2.46 16.91
C ASN D 147 10.34 3.56 16.44
N ALA D 148 9.73 4.33 17.35
CA ALA D 148 8.74 5.33 16.97
C ALA D 148 8.79 6.64 17.77
N ILE D 149 8.69 6.56 19.09
CA ILE D 149 8.61 7.77 19.88
C ILE D 149 9.94 8.59 19.85
N ALA D 150 11.06 7.91 20.00
CA ALA D 150 12.33 8.59 19.97
C ALA D 150 12.58 9.19 18.58
N PRO D 151 12.26 8.45 17.49
CA PRO D 151 12.37 9.15 16.20
C PRO D 151 11.54 10.45 16.09
N PHE D 152 10.33 10.42 16.62
CA PHE D 152 9.47 11.58 16.64
C PHE D 152 10.08 12.74 17.42
N LEU D 153 10.56 12.45 18.62
CA LEU D 153 11.15 13.46 19.49
C LEU D 153 12.47 14.03 18.89
N LEU D 154 13.28 13.14 18.34
CA LEU D 154 14.49 13.58 17.58
C LEU D 154 14.19 14.42 16.36
N THR D 155 13.08 14.11 15.70
CA THR D 155 12.62 14.86 14.57
C THR D 155 12.17 16.24 15.01
N MET D 156 11.37 16.32 16.09
N MET D 156 11.37 16.30 16.08
CA MET D 156 11.02 17.60 16.70
CA MET D 156 11.01 17.58 16.69
C MET D 156 12.25 18.44 17.03
C MET D 156 12.23 18.42 17.05
N SER D 157 13.18 17.85 17.76
CA SER D 157 14.34 18.60 18.22
C SER D 157 15.24 19.02 17.07
N PHE D 158 15.43 18.13 16.11
CA PHE D 158 16.14 18.47 14.83
C PHE D 158 15.52 19.69 14.11
N ALA D 159 14.21 19.67 13.95
CA ALA D 159 13.50 20.71 13.24
C ALA D 159 13.58 22.03 13.98
N GLN D 160 13.33 21.95 15.28
CA GLN D 160 13.31 23.11 16.14
C GLN D 160 14.64 23.84 16.13
N ARG D 161 15.74 23.11 16.08
CA ARG D 161 17.07 23.72 16.12
C ARG D 161 17.52 24.36 14.80
N GLN D 162 16.79 24.17 13.71
CA GLN D 162 17.28 24.62 12.43
C GLN D 162 17.26 26.16 12.23
N SER D 171 21.78 26.48 -0.64
CA SER D 171 23.03 25.93 -0.09
C SER D 171 22.90 25.08 1.21
N SER D 172 21.72 24.49 1.48
CA SER D 172 21.56 23.54 2.59
C SER D 172 20.87 22.28 2.05
N ASN D 173 21.16 21.13 2.64
CA ASN D 173 20.44 19.91 2.24
C ASN D 173 20.13 19.14 3.50
N LEU D 174 19.07 19.57 4.16
CA LEU D 174 18.68 19.00 5.42
C LEU D 174 17.78 17.80 5.19
N SER D 175 18.04 16.69 5.86
CA SER D 175 17.08 15.56 5.77
C SER D 175 17.19 14.54 6.89
N ILE D 176 16.12 13.77 6.99
CA ILE D 176 15.98 12.71 7.95
C ILE D 176 15.77 11.39 7.22
N VAL D 177 16.44 10.35 7.66
CA VAL D 177 16.19 9.00 7.12
C VAL D 177 15.88 8.12 8.32
N ASN D 178 14.73 7.49 8.25
CA ASN D 178 14.27 6.52 9.21
C ASN D 178 14.44 5.09 8.73
N LEU D 179 15.02 4.22 9.54
CA LEU D 179 15.19 2.84 9.16
C LEU D 179 13.91 2.11 9.50
N CYS D 180 13.20 1.72 8.45
CA CYS D 180 11.91 1.09 8.54
C CYS D 180 12.08 -0.41 8.37
N ASP D 181 11.06 -1.12 7.87
CA ASP D 181 11.11 -2.56 7.74
C ASP D 181 10.26 -2.98 6.53
N ALA D 182 10.89 -3.64 5.57
CA ALA D 182 10.17 -3.97 4.33
C ALA D 182 9.03 -5.00 4.57
N MET D 183 9.13 -5.72 5.68
CA MET D 183 8.18 -6.82 5.98
C MET D 183 7.03 -6.41 6.92
N VAL D 184 6.78 -5.12 7.02
CA VAL D 184 5.79 -4.67 8.00
CA VAL D 184 5.79 -4.51 7.91
C VAL D 184 4.37 -5.08 7.63
N ASP D 185 4.07 -5.41 6.37
CA ASP D 185 2.75 -5.99 6.12
C ASP D 185 2.73 -7.50 6.04
N GLN D 186 3.87 -8.13 6.31
CA GLN D 186 3.99 -9.58 6.37
C GLN D 186 4.90 -9.93 7.56
N PRO D 187 4.44 -9.58 8.76
CA PRO D 187 5.29 -9.55 9.91
C PRO D 187 5.66 -10.91 10.46
N CSX D 188 6.76 -10.96 11.20
CA CSX D 188 7.13 -12.14 11.97
CB CSX D 188 8.44 -11.88 12.69
SG CSX D 188 9.68 -11.80 11.49
C CSX D 188 6.10 -12.43 13.00
O CSX D 188 5.62 -11.53 13.69
OD CSX D 188 10.01 -13.24 11.34
N MET D 189 5.83 -13.70 13.18
CA MET D 189 4.87 -14.17 14.18
C MET D 189 5.29 -13.75 15.61
N ALA D 190 4.35 -13.19 16.37
CA ALA D 190 4.57 -12.78 17.78
C ALA D 190 5.44 -11.53 17.97
N PHE D 191 5.62 -10.75 16.92
CA PHE D 191 6.30 -9.45 17.02
C PHE D 191 5.36 -8.23 16.95
N SER D 192 4.16 -8.32 17.52
CA SER D 192 3.17 -7.25 17.35
C SER D 192 3.72 -5.87 17.81
N LEU D 193 4.33 -5.79 19.00
CA LEU D 193 4.83 -4.44 19.46
C LEU D 193 5.92 -3.88 18.57
N TYR D 194 6.87 -4.71 18.16
CA TYR D 194 7.87 -4.28 17.18
C TYR D 194 7.23 -3.78 15.87
N ASN D 195 6.29 -4.56 15.34
N ASN D 195 6.27 -4.55 15.35
CA ASN D 195 5.66 -4.21 14.08
CA ASN D 195 5.66 -4.17 14.08
C ASN D 195 4.83 -2.93 14.21
C ASN D 195 4.82 -2.92 14.21
N MET D 196 4.17 -2.78 15.34
CA MET D 196 3.40 -1.55 15.64
C MET D 196 4.34 -0.32 15.60
N GLY D 197 5.53 -0.49 16.16
CA GLY D 197 6.55 0.55 16.18
C GLY D 197 7.00 0.90 14.78
N LYS D 198 7.32 -0.09 13.98
CA LYS D 198 7.74 0.18 12.61
C LYS D 198 6.61 0.79 11.76
N HIS D 199 5.37 0.34 11.96
CA HIS D 199 4.23 1.00 11.31
C HIS D 199 4.11 2.46 11.68
N ALA D 200 4.19 2.73 12.98
CA ALA D 200 4.20 4.13 13.47
C ALA D 200 5.33 4.90 12.85
N LEU D 201 6.46 4.24 12.62
CA LEU D 201 7.61 4.91 11.97
C LEU D 201 7.31 5.40 10.50
N VAL D 202 6.55 4.58 9.77
CA VAL D 202 6.02 4.93 8.43
C VAL D 202 5.14 6.16 8.56
N GLY D 203 4.19 6.16 9.50
CA GLY D 203 3.32 7.34 9.69
C GLY D 203 4.16 8.59 10.00
N LEU D 204 5.18 8.42 10.83
CA LEU D 204 6.07 9.55 11.17
C LEU D 204 6.77 10.08 9.92
N THR D 205 7.30 9.14 9.14
CA THR D 205 7.99 9.49 7.91
C THR D 205 7.10 10.39 7.00
N GLN D 206 5.84 9.98 6.83
CA GLN D 206 4.88 10.68 5.98
C GLN D 206 4.47 12.05 6.56
N SER D 207 4.10 12.03 7.85
CA SER D 207 3.61 13.22 8.56
C SER D 207 4.69 14.28 8.67
N ALA D 208 5.90 13.86 9.04
CA ALA D 208 7.00 14.81 9.11
C ALA D 208 7.46 15.30 7.71
N ALA D 209 7.48 14.45 6.68
CA ALA D 209 7.79 14.89 5.30
C ALA D 209 6.84 16.06 4.93
N LEU D 210 5.56 15.82 5.20
CA LEU D 210 4.53 16.80 4.90
C LEU D 210 4.76 18.10 5.66
N GLU D 211 4.97 18.01 6.96
CA GLU D 211 4.98 19.18 7.84
C GLU D 211 6.29 19.94 7.78
N LEU D 212 7.39 19.23 7.51
CA LEU D 212 8.68 19.87 7.43
C LEU D 212 9.13 20.35 6.03
N ALA D 213 8.41 19.95 5.00
CA ALA D 213 8.72 20.40 3.64
C ALA D 213 8.89 21.92 3.48
N PRO D 214 8.01 22.73 4.12
CA PRO D 214 8.18 24.19 4.05
C PRO D 214 9.48 24.73 4.69
N TYR D 215 10.19 23.91 5.48
CA TYR D 215 11.49 24.29 6.03
C TYR D 215 12.64 23.69 5.24
N GLY D 216 12.32 23.05 4.13
CA GLY D 216 13.32 22.45 3.30
C GLY D 216 13.92 21.20 3.92
N ILE D 217 13.20 20.59 4.86
CA ILE D 217 13.73 19.37 5.48
C ILE D 217 12.99 18.18 4.82
N ARG D 218 13.75 17.28 4.19
CA ARG D 218 13.18 16.07 3.56
C ARG D 218 13.20 14.95 4.60
N VAL D 219 12.18 14.11 4.57
CA VAL D 219 12.11 12.99 5.44
C VAL D 219 11.76 11.72 4.69
N ASN D 220 12.62 10.69 4.78
CA ASN D 220 12.44 9.53 3.97
C ASN D 220 12.78 8.30 4.78
N GLY D 221 12.59 7.14 4.18
CA GLY D 221 12.90 5.85 4.84
C GLY D 221 13.72 4.92 4.00
N VAL D 222 14.37 3.97 4.65
CA VAL D 222 15.02 2.88 4.00
C VAL D 222 14.53 1.64 4.78
N ALA D 223 14.06 0.65 4.04
CA ALA D 223 13.37 -0.49 4.64
C ALA D 223 14.10 -1.78 4.26
N PRO D 224 15.00 -2.28 5.15
CA PRO D 224 15.65 -3.56 4.85
C PRO D 224 14.63 -4.69 4.94
N GLY D 225 14.88 -5.82 4.28
CA GLY D 225 14.10 -7.04 4.54
C GLY D 225 14.86 -7.91 5.55
N VAL D 226 15.75 -8.75 5.06
CA VAL D 226 16.74 -9.33 5.91
C VAL D 226 18.11 -8.81 5.52
N SER D 227 18.76 -8.24 6.52
CA SER D 227 20.11 -7.76 6.43
C SER D 227 20.84 -8.53 7.57
N LEU D 228 21.75 -7.90 8.30
CA LEU D 228 22.57 -8.65 9.27
C LEU D 228 21.66 -9.29 10.26
N LEU D 229 21.75 -10.63 10.35
CA LEU D 229 20.80 -11.35 11.18
C LEU D 229 21.15 -11.16 12.68
N PRO D 230 20.18 -11.40 13.56
CA PRO D 230 20.46 -11.22 14.99
C PRO D 230 21.65 -12.07 15.43
N VAL D 231 22.53 -11.48 16.23
CA VAL D 231 23.69 -12.16 16.83
C VAL D 231 23.30 -13.45 17.59
N ALA D 232 22.14 -13.41 18.25
CA ALA D 232 21.62 -14.55 19.01
C ALA D 232 20.97 -15.63 18.17
N MET D 233 20.67 -15.34 16.90
CA MET D 233 19.98 -16.32 16.07
C MET D 233 20.94 -17.45 15.63
N GLY D 234 20.49 -18.71 15.74
CA GLY D 234 21.30 -19.86 15.32
C GLY D 234 21.50 -19.92 13.81
N GLU D 235 22.57 -20.60 13.34
CA GLU D 235 22.95 -20.62 11.91
CA GLU D 235 22.91 -20.55 11.92
C GLU D 235 21.91 -21.30 11.03
N GLU D 236 21.09 -22.16 11.64
CA GLU D 236 20.06 -22.91 10.91
C GLU D 236 18.97 -21.93 10.50
N GLU D 237 18.50 -21.13 11.46
CA GLU D 237 17.48 -20.12 11.21
C GLU D 237 17.97 -19.06 10.22
N LYS D 238 19.22 -18.61 10.39
CA LYS D 238 19.79 -17.60 9.48
C LYS D 238 19.70 -18.13 8.06
N ASP D 239 20.09 -19.39 7.85
CA ASP D 239 20.04 -19.96 6.50
C ASP D 239 18.61 -20.16 5.98
N LYS D 240 17.67 -20.41 6.87
CA LYS D 240 16.26 -20.47 6.48
C LYS D 240 15.84 -19.11 5.88
N TRP D 241 16.27 -18.02 6.49
CA TRP D 241 15.95 -16.67 6.01
C TRP D 241 16.67 -16.33 4.71
N ARG D 242 17.95 -16.65 4.61
CA ARG D 242 18.71 -16.44 3.39
C ARG D 242 18.05 -17.06 2.19
N ARG D 243 17.63 -18.32 2.35
CA ARG D 243 17.10 -19.06 1.21
CA ARG D 243 17.06 -19.09 1.24
C ARG D 243 15.77 -18.50 0.68
N LYS D 244 15.14 -17.61 1.45
CA LYS D 244 13.88 -16.97 1.03
C LYS D 244 14.08 -15.77 0.07
N VAL D 245 15.28 -15.19 0.06
CA VAL D 245 15.56 -14.00 -0.76
C VAL D 245 15.78 -14.30 -2.26
N PRO D 246 14.87 -13.81 -3.15
CA PRO D 246 14.99 -14.10 -4.59
C PRO D 246 16.32 -13.65 -5.18
N LEU D 247 16.80 -12.48 -4.76
CA LEU D 247 17.98 -11.88 -5.35
C LEU D 247 19.20 -12.27 -4.59
N GLY D 248 19.74 -13.46 -4.91
CA GLY D 248 21.02 -13.87 -4.36
C GLY D 248 20.98 -14.90 -3.25
N ARG D 249 19.78 -15.19 -2.74
CA ARG D 249 19.57 -16.10 -1.64
C ARG D 249 20.51 -15.74 -0.48
N ARG D 250 20.61 -14.45 -0.19
CA ARG D 250 21.47 -13.93 0.83
C ARG D 250 20.85 -12.67 1.41
N GLU D 251 21.29 -12.35 2.62
CA GLU D 251 20.90 -11.15 3.34
C GLU D 251 21.61 -9.91 2.75
N ALA D 252 21.06 -8.72 2.93
CA ALA D 252 21.81 -7.50 2.61
C ALA D 252 23.00 -7.29 3.53
N SER D 253 24.11 -6.87 2.98
CA SER D 253 25.20 -6.32 3.80
C SER D 253 24.75 -5.01 4.44
N ALA D 254 25.37 -4.66 5.56
CA ALA D 254 25.22 -3.35 6.18
C ALA D 254 25.48 -2.24 5.18
N GLU D 255 26.47 -2.46 4.33
CA GLU D 255 26.86 -1.44 3.37
C GLU D 255 25.84 -1.21 2.28
N GLN D 256 25.14 -2.25 1.87
CA GLN D 256 24.07 -2.11 0.90
C GLN D 256 22.94 -1.28 1.51
N ILE D 257 22.61 -1.49 2.79
CA ILE D 257 21.60 -0.65 3.46
C ILE D 257 22.09 0.81 3.51
N ALA D 258 23.32 0.99 3.95
CA ALA D 258 23.90 2.33 3.99
C ALA D 258 23.88 3.06 2.68
N ASP D 259 24.12 2.36 1.58
CA ASP D 259 24.15 2.97 0.23
C ASP D 259 22.83 3.71 -0.07
N ALA D 260 21.72 3.13 0.34
CA ALA D 260 20.43 3.77 0.08
C ALA D 260 20.22 5.00 0.99
N VAL D 261 20.75 4.93 2.22
CA VAL D 261 20.72 6.08 3.13
C VAL D 261 21.52 7.21 2.50
N ILE D 262 22.71 6.87 2.02
CA ILE D 262 23.58 7.86 1.36
C ILE D 262 22.86 8.52 0.16
N PHE D 263 22.19 7.73 -0.66
CA PHE D 263 21.44 8.29 -1.76
C PHE D 263 20.42 9.28 -1.26
N LEU D 264 19.66 8.93 -0.22
CA LEU D 264 18.55 9.83 0.18
C LEU D 264 19.00 11.15 0.75
N VAL D 265 20.16 11.14 1.41
CA VAL D 265 20.66 12.40 1.97
C VAL D 265 21.37 13.23 0.90
N SER D 266 21.69 12.62 -0.24
CA SER D 266 22.52 13.26 -1.25
C SER D 266 21.78 14.30 -2.04
N GLY D 267 22.54 15.09 -2.82
CA GLY D 267 21.96 16.04 -3.76
C GLY D 267 21.16 15.43 -4.93
N SER D 268 21.28 14.12 -5.13
CA SER D 268 20.55 13.41 -6.16
C SER D 268 19.15 13.04 -5.73
N ALA D 269 18.77 13.36 -4.48
CA ALA D 269 17.44 13.08 -3.94
C ALA D 269 16.71 14.34 -3.45
N GLN D 270 17.07 15.51 -4.00
CA GLN D 270 16.52 16.73 -3.43
CA GLN D 270 16.56 16.81 -3.55
C GLN D 270 15.03 16.99 -3.71
N TYR D 271 14.41 16.20 -4.55
CA TYR D 271 12.96 16.27 -4.76
C TYR D 271 12.22 15.12 -4.06
N ILE D 272 12.96 14.27 -3.35
CA ILE D 272 12.41 13.11 -2.75
C ILE D 272 12.10 13.37 -1.27
N THR D 273 10.83 13.28 -0.94
CA THR D 273 10.40 13.34 0.45
C THR D 273 9.12 12.53 0.66
N GLY D 274 9.06 11.90 1.81
CA GLY D 274 8.03 10.93 2.13
C GLY D 274 8.13 9.61 1.41
N SER D 275 9.30 9.27 0.88
CA SER D 275 9.48 8.02 0.19
C SER D 275 10.20 7.00 1.07
N ILE D 276 9.82 5.73 0.97
CA ILE D 276 10.48 4.66 1.73
C ILE D 276 11.00 3.63 0.71
N ILE D 277 12.32 3.47 0.67
CA ILE D 277 12.94 2.71 -0.37
C ILE D 277 13.17 1.32 0.23
N LYS D 278 12.53 0.27 -0.31
CA LYS D 278 12.87 -1.12 0.12
C LYS D 278 14.22 -1.49 -0.38
N VAL D 279 14.99 -2.16 0.46
CA VAL D 279 16.27 -2.74 0.13
C VAL D 279 16.22 -4.20 0.63
N ASP D 280 15.49 -5.05 -0.09
CA ASP D 280 15.12 -6.34 0.39
C ASP D 280 15.37 -7.51 -0.56
N GLY D 281 16.03 -7.26 -1.69
CA GLY D 281 16.29 -8.33 -2.68
C GLY D 281 15.06 -9.08 -3.12
N GLY D 282 13.89 -8.42 -3.01
CA GLY D 282 12.62 -8.99 -3.45
C GLY D 282 11.85 -9.78 -2.41
N LEU D 283 12.39 -9.86 -1.20
CA LEU D 283 11.84 -10.74 -0.16
C LEU D 283 10.34 -10.46 0.08
N SER D 284 9.95 -9.18 0.12
CA SER D 284 8.54 -8.81 0.40
C SER D 284 7.60 -9.19 -0.74
N LEU D 285 8.14 -9.60 -1.89
CA LEU D 285 7.26 -9.98 -3.01
C LEU D 285 6.91 -11.43 -3.00
N VAL D 286 7.56 -12.21 -2.10
CA VAL D 286 7.47 -13.69 -2.11
C VAL D 286 6.28 -14.13 -1.26
N HIS D 287 5.30 -14.80 -1.85
CA HIS D 287 4.14 -15.32 -1.10
C HIS D 287 4.55 -16.43 -0.13
N ALA D 288 3.62 -16.76 0.76
CA ALA D 288 3.82 -17.88 1.68
C ALA D 288 4.12 -19.18 0.98
PA NAP E . -12.64 -19.14 -12.88
O1A NAP E . -13.42 -20.42 -12.61
O2A NAP E . -11.21 -19.35 -13.18
O5B NAP E . -13.20 -18.32 -14.12
C5B NAP E . -14.56 -17.90 -14.01
C4B NAP E . -15.15 -17.75 -15.39
O4B NAP E . -14.43 -16.84 -16.18
C3B NAP E . -15.10 -19.04 -16.24
O3B NAP E . -16.15 -19.91 -15.81
C2B NAP E . -15.25 -18.51 -17.68
O2B NAP E . -16.56 -18.73 -18.28
C1B NAP E . -14.93 -16.98 -17.49
N9A NAP E . -13.99 -16.61 -18.56
C8A NAP E . -12.74 -17.07 -18.73
N7A NAP E . -12.21 -16.60 -19.90
C5A NAP E . -13.18 -15.88 -20.52
C6A NAP E . -13.32 -15.13 -21.76
N6A NAP E . -12.34 -15.07 -22.66
N1A NAP E . -14.50 -14.54 -22.02
C2A NAP E . -15.53 -14.59 -21.14
N3A NAP E . -15.49 -15.28 -19.98
C4A NAP E . -14.35 -15.90 -19.62
O3 NAP E . -12.82 -18.10 -11.72
PN NAP E . -12.94 -18.47 -10.14
O1N NAP E . -14.40 -18.76 -9.88
O2N NAP E . -11.77 -19.29 -9.76
O5D NAP E . -12.69 -16.97 -9.54
C5D NAP E . -13.65 -15.93 -9.68
C4D NAP E . -12.94 -14.56 -9.61
O4D NAP E . -12.25 -14.43 -8.36
C3D NAP E . -11.96 -14.30 -10.73
O3D NAP E . -12.06 -12.93 -11.18
C2D NAP E . -10.64 -14.63 -10.04
O2D NAP E . -9.50 -14.07 -10.69
C1D NAP E . -10.88 -14.21 -8.58
N1N NAP E . -10.00 -14.97 -7.70
C2N NAP E . -10.20 -16.28 -7.52
C3N NAP E . -9.32 -17.00 -6.73
C7N NAP E . -9.51 -18.47 -6.47
O7N NAP E . -8.88 -18.98 -5.54
N7N NAP E . -10.38 -19.17 -7.23
C4N NAP E . -8.22 -16.35 -6.16
C5N NAP E . -8.01 -15.03 -6.42
C6N NAP E . -8.94 -14.32 -7.16
P2B NAP E . -16.96 -20.14 -19.05
O1X NAP E . -16.12 -20.23 -20.32
O2X NAP E . -18.44 -19.83 -19.28
O3X NAP E . -16.70 -21.22 -18.05
NAB IZ9 F . -6.65 -20.96 -7.50
CAE IZ9 F . -6.74 -19.94 -8.01
CAS IZ9 F . -6.91 -18.65 -8.73
C5 IZ9 F . -7.70 -18.32 -9.80
C6 IZ9 F . -8.56 -19.02 -10.60
NAD IZ9 F . -8.79 -20.40 -10.36
N1 IZ9 F . -9.21 -18.43 -11.62
C2 IZ9 F . -9.01 -17.10 -11.87
NAC IZ9 F . -9.68 -16.50 -12.92
N3 IZ9 F . -8.16 -16.35 -11.09
C4 IZ9 F . -7.53 -16.96 -10.05
NAN IZ9 F . -6.62 -16.46 -9.18
CAT IZ9 F . -6.25 -17.49 -8.36
CAG IZ9 F . -5.33 -17.49 -7.24
CAF IZ9 F . -4.55 -16.43 -7.13
CAQ IZ9 F . -3.37 -16.52 -6.25
CAJ IZ9 F . -3.26 -17.41 -5.20
CAH IZ9 F . -2.10 -17.42 -4.43
CAO IZ9 F . -1.07 -16.55 -4.75
CAA IZ9 F . 0.19 -16.53 -3.95
CAI IZ9 F . -1.18 -15.66 -5.82
CAK IZ9 F . -2.34 -15.65 -6.57
C ACT G . -20.56 -25.00 -9.59
O ACT G . -21.05 -24.51 -8.54
OXT ACT G . -19.35 -24.92 -9.83
CH3 ACT G . -21.47 -25.73 -10.52
S1 DTT H . 0.05 -22.85 -10.72
C1 DTT H . -0.36 -21.59 -9.48
C2 DTT H . -1.75 -21.85 -8.92
O2 DTT H . -2.74 -21.53 -9.89
C3 DTT H . -2.06 -21.09 -7.64
O3 DTT H . -1.54 -19.78 -7.66
C4 DTT H . -3.55 -20.97 -7.46
S4 DTT H . -3.84 -20.73 -5.70
PA NAP I . -14.21 10.67 19.46
O1A NAP I . -15.62 11.21 19.66
O2A NAP I . -13.15 11.66 19.14
O5B NAP I . -13.65 9.81 20.70
C5B NAP I . -14.43 8.72 21.12
C4B NAP I . -14.23 8.54 22.60
O4B NAP I . -12.85 8.32 22.85
C3B NAP I . -14.53 9.72 23.51
O3B NAP I . -15.95 9.89 23.62
C2B NAP I . -13.74 9.34 24.76
O2B NAP I . -14.53 8.86 25.86
C1B NAP I . -12.73 8.26 24.24
N9A NAP I . -11.41 8.66 24.75
C8A NAP I . -10.69 9.74 24.39
N7A NAP I . -9.55 9.82 25.09
C5A NAP I . -9.56 8.78 25.97
C6A NAP I . -8.69 8.29 27.04
N6A NAP I . -7.53 8.93 27.39
N1A NAP I . -9.06 7.19 27.67
C2A NAP I . -10.20 6.51 27.40
N3A NAP I . -11.05 6.90 26.45
C4A NAP I . -10.79 8.02 25.74
O3 NAP I . -14.30 9.52 18.34
PN NAP I . -15.23 9.48 17.03
O1N NAP I . -16.60 8.95 17.35
O2N NAP I . -15.14 10.82 16.24
O5D NAP I . -14.46 8.38 16.20
C5D NAP I . -14.57 6.99 16.54
C4D NAP I . -13.31 6.27 16.09
O4D NAP I . -13.24 6.33 14.65
C3D NAP I . -11.97 6.77 16.61
O3D NAP I . -11.06 5.61 16.73
C2D NAP I . -11.48 7.65 15.50
O2D NAP I . -10.09 7.86 15.48
C1D NAP I . -11.99 6.96 14.23
N1N NAP I . -12.18 7.92 13.13
C2N NAP I . -13.11 8.86 13.24
C3N NAP I . -13.28 9.81 12.25
C7N NAP I . -14.33 10.87 12.28
O7N NAP I . -14.53 11.49 11.25
N7N NAP I . -15.04 11.15 13.37
C4N NAP I . -12.41 9.79 11.16
C5N NAP I . -11.41 8.85 11.07
C6N NAP I . -11.30 7.89 12.07
P2B NAP I . -15.27 9.82 26.92
O1X NAP I . -14.20 10.59 27.68
O2X NAP I . -16.06 8.81 27.75
O3X NAP I . -16.12 10.65 26.05
NAB IZ9 J . -13.38 14.81 12.52
CAE IZ9 J . -12.62 13.96 12.77
CAS IZ9 J . -11.70 12.87 13.21
C5 IZ9 J . -11.64 12.31 14.47
C6 IZ9 J . -12.32 12.54 15.64
NAD IZ9 J . -13.35 13.54 15.74
N1 IZ9 J . -12.02 11.83 16.74
C2 IZ9 J . -11.01 10.88 16.69
NAC IZ9 J . -10.74 10.15 17.83
N3 IZ9 J . -10.34 10.60 15.55
C4 IZ9 J . -10.64 11.31 14.45
NAN IZ9 J . -10.09 11.22 13.21
CAT IZ9 J . -10.74 12.19 12.46
CAG IZ9 J . -10.51 12.54 11.05
CAF IZ9 J . -9.45 12.05 10.42
CAQ IZ9 J . -8.97 12.69 9.16
CAJ IZ9 J . -9.80 13.33 8.25
CAH IZ9 J . -9.25 13.88 7.08
CAO IZ9 J . -7.87 13.79 6.87
CAA IZ9 J . -7.22 14.37 5.66
CAI IZ9 J . -7.04 13.16 7.78
CAK IZ9 J . -7.61 12.59 8.93
S1 DTT K . -11.92 16.16 9.81
C1 DTT K . -10.14 16.18 10.14
C2 DTT K . -9.62 17.58 10.46
O2 DTT K . -8.20 17.53 10.64
C3 DTT K . -10.32 18.20 11.68
O3 DTT K . -11.14 17.21 12.33
C4 DTT K . -9.34 18.83 12.69
S4 DTT K . -10.18 19.53 14.13
PA NAP L . 5.78 12.24 -22.47
O1A NAP L . 6.53 13.48 -22.88
O2A NAP L . 4.26 12.23 -22.25
O5B NAP L . 6.01 10.97 -23.41
C5B NAP L . 7.34 10.51 -23.63
C4B NAP L . 7.46 9.88 -25.01
O4B NAP L . 6.58 8.79 -25.09
C3B NAP L . 7.02 10.77 -26.18
O3B NAP L . 7.99 11.71 -26.55
C2B NAP L . 6.77 9.69 -27.23
O2B NAP L . 7.83 9.58 -28.19
C1B NAP L . 6.60 8.37 -26.42
N9A NAP L . 5.35 7.75 -26.87
C8A NAP L . 4.09 8.19 -26.69
N7A NAP L . 3.20 7.37 -27.31
C5A NAP L . 3.93 6.42 -27.95
C6A NAP L . 3.63 5.29 -28.80
N6A NAP L . 2.33 5.04 -29.13
N1A NAP L . 4.67 4.55 -29.23
C2A NAP L . 5.96 4.80 -28.91
N3A NAP L . 6.29 5.86 -28.14
C4A NAP L . 5.35 6.68 -27.68
O3 NAP L . 6.41 11.68 -21.13
PN NAP L . 7.07 12.47 -19.92
O1N NAP L . 8.54 12.81 -20.23
O2N NAP L . 6.07 13.45 -19.47
O5D NAP L . 7.11 11.32 -18.81
C5D NAP L . 8.06 10.24 -18.83
C4D NAP L . 7.53 9.07 -18.00
O4D NAP L . 7.24 9.49 -16.65
C3D NAP L . 6.20 8.50 -18.51
O3D NAP L . 6.17 7.09 -18.40
C2D NAP L . 5.13 9.12 -17.60
O2D NAP L . 3.91 8.35 -17.62
C1D NAP L . 5.91 9.21 -16.29
N1N NAP L . 5.33 10.30 -15.51
C2N NAP L . 5.57 11.58 -15.88
C3N NAP L . 5.00 12.63 -15.15
C7N NAP L . 5.19 14.07 -15.50
O7N NAP L . 4.85 14.95 -14.66
N7N NAP L . 5.69 14.41 -16.69
C4N NAP L . 4.20 12.31 -14.06
C5N NAP L . 3.96 10.97 -13.71
C6N NAP L . 4.55 9.96 -14.44
P2B NAP L . 7.86 10.44 -29.56
O1X NAP L . 9.15 10.01 -30.20
O2X NAP L . 7.92 11.87 -29.09
O3X NAP L . 6.60 10.12 -30.32
NAB IZ9 M . 1.94 16.17 -16.26
CAE IZ9 M . 1.93 15.03 -16.41
CAS IZ9 M . 1.92 13.57 -16.66
C5 IZ9 M . 2.31 12.86 -17.79
C6 IZ9 M . 2.82 13.18 -19.04
NAD IZ9 M . 3.03 14.53 -19.45
N1 IZ9 M . 3.10 12.22 -19.94
C2 IZ9 M . 2.88 10.89 -19.63
NAC IZ9 M . 3.17 9.94 -20.61
N3 IZ9 M . 2.41 10.54 -18.37
C4 IZ9 M . 2.13 11.50 -17.48
NAN IZ9 M . 1.63 11.39 -16.24
CAT IZ9 M . 1.51 12.63 -15.72
CAG IZ9 M . 1.01 13.02 -14.37
CAF IZ9 M . 0.06 12.25 -13.81
CAQ IZ9 M . -0.72 12.71 -12.62
CAJ IZ9 M . -0.44 13.89 -11.92
CAH IZ9 M . -1.21 14.24 -10.81
CAO IZ9 M . -2.26 13.38 -10.44
CAA IZ9 M . -3.14 13.71 -9.28
CAI IZ9 M . -2.53 12.21 -11.14
CAK IZ9 M . -1.75 11.89 -12.24
C ACT N . 22.49 6.76 -35.57
O ACT N . 21.54 6.00 -35.21
OXT ACT N . 23.64 6.31 -35.98
CH3 ACT N . 22.24 8.26 -35.42
C1 GOL O . -3.24 16.36 -16.19
O1 GOL O . -4.59 16.85 -16.10
C2 GOL O . -2.42 16.53 -14.91
O2 GOL O . -2.80 15.57 -13.94
C3 GOL O . -0.94 16.33 -15.23
O3 GOL O . -0.16 16.31 -14.01
PA NAP P . 20.21 -3.79 15.94
O1A NAP P . 21.63 -4.25 15.95
O2A NAP P . 19.11 -4.72 16.32
O5B NAP P . 20.02 -2.43 16.79
C5B NAP P . 20.90 -1.33 16.53
C4B NAP P . 21.16 -0.57 17.80
O4B NAP P . 19.96 -0.07 18.40
C3B NAP P . 21.81 -1.43 18.89
O3B NAP P . 23.18 -1.71 18.61
C2B NAP P . 21.48 -0.62 20.14
O2B NAP P . 22.57 0.14 20.70
C1B NAP P . 20.31 0.33 19.69
N9A NAP P . 19.26 0.22 20.72
C8A NAP P . 18.52 -0.84 21.03
N7A NAP P . 17.76 -0.54 22.10
C5A NAP P . 18.02 0.71 22.48
C6A NAP P . 17.57 1.61 23.53
N6A NAP P . 16.66 1.22 24.41
N1A NAP P . 18.09 2.85 23.58
C2A NAP P . 19.01 3.26 22.69
N3A NAP P . 19.46 2.48 21.69
C4A NAP P . 19.01 1.21 21.57
O3 NAP P . 19.81 -3.07 14.52
PN NAP P . 20.24 -3.57 13.05
O1N NAP P . 21.60 -3.04 12.75
O2N NAP P . 19.96 -5.05 12.95
O5D NAP P . 19.16 -2.79 12.11
C5D NAP P . 19.24 -1.35 11.96
C4D NAP P . 17.90 -0.77 11.60
O4D NAP P . 17.38 -1.40 10.44
C3D NAP P . 16.87 -0.99 12.70
O3D NAP P . 15.99 0.11 12.75
C2D NAP P . 16.09 -2.20 12.26
O2D NAP P . 14.79 -2.28 12.88
C1D NAP P . 16.12 -2.03 10.74
N1N NAP P . 15.96 -3.35 10.11
C2N NAP P . 16.94 -4.26 10.19
C3N NAP P . 16.83 -5.52 9.64
C7N NAP P . 17.93 -6.55 9.73
O7N NAP P . 17.77 -7.53 9.05
N7N NAP P . 19.01 -6.41 10.51
C4N NAP P . 15.64 -5.85 8.98
C5N NAP P . 14.62 -4.90 8.91
C6N NAP P . 14.81 -3.64 9.48
P2B NAP P . 23.74 -0.44 21.69
O1X NAP P . 22.97 -0.78 22.95
O2X NAP P . 24.65 0.75 21.75
O3X NAP P . 24.34 -1.60 20.93
NAB IZ9 Q . 16.87 -10.00 11.43
CAE IZ9 Q . 16.37 -9.04 11.74
CAS IZ9 Q . 15.76 -7.74 12.15
C5 IZ9 Q . 16.18 -6.80 13.08
C6 IZ9 Q . 17.26 -6.64 13.94
NAD IZ9 Q . 18.33 -7.58 14.07
N1 IZ9 Q . 17.34 -5.57 14.75
C2 IZ9 Q . 16.35 -4.61 14.69
NAC IZ9 Q . 16.42 -3.52 15.51
N3 IZ9 Q . 15.30 -4.74 13.85
C4 IZ9 Q . 15.20 -5.80 13.06
NAN IZ9 Q . 14.23 -6.08 12.17
CAT IZ9 Q . 14.57 -7.30 11.63
CAG IZ9 Q . 13.88 -8.08 10.59
CAF IZ9 Q . 12.55 -8.02 10.58
CAQ IZ9 Q . 11.76 -9.01 9.80
CAJ IZ9 Q . 10.40 -8.95 9.99
CAH IZ9 Q . 9.56 -9.82 9.28
CAO IZ9 Q . 10.12 -10.74 8.40
CAA IZ9 Q . 9.20 -11.64 7.69
CAI IZ9 Q . 11.51 -10.81 8.19
CAK IZ9 Q . 12.34 -9.93 8.91
C1 GOL R . 13.89 -12.88 13.49
O1 GOL R . 12.82 -13.84 13.42
C2 GOL R . 13.89 -12.01 12.24
O2 GOL R . 12.60 -12.08 11.64
C3 GOL R . 14.89 -12.42 11.17
O3 GOL R . 14.86 -11.39 10.18
#